data_8DI2
#
_entry.id   8DI2
#
_entity_poly.entity_id   1
_entity_poly.type   'polypeptide(L)'
_entity_poly.pdbx_seq_one_letter_code
;(BVK)SLEQEW(AIB)KIECEVYGKCPPK(LYN)
;
_entity_poly.pdbx_strand_id   A
#
loop_
_chem_comp.id
_chem_comp.type
_chem_comp.name
_chem_comp.formula
BVK non-polymer '2-[4-(aminomethyl)phenyl]ethanoic acid' 'C9 H11 N O2'
#
# COMPACT_ATOMS: atom_id res chain seq x y z
N1 BVK A 1 4.48 2.13 -10.54
C2 BVK A 1 1.43 4.99 -11.83
C3 BVK A 1 2.70 4.43 -11.62
C4 BVK A 1 3.00 3.14 -12.06
C5 BVK A 1 1.99 2.37 -12.63
C6 BVK A 1 0.71 2.92 -12.82
CA BVK A 1 -0.93 4.89 -12.55
C BVK A 1 -1.18 6.40 -12.44
O BVK A 1 -1.20 7.03 -13.49
C1 BVK A 1 0.41 4.22 -12.42
C7 BVK A 1 4.42 2.63 -11.92
H1 BVK A 1 5.45 1.88 -10.38
H2 BVK A 1 4.18 2.78 -9.83
H4 BVK A 1 1.33 6.02 -11.55
H5 BVK A 1 3.45 5.09 -11.20
H6 BVK A 1 2.17 1.33 -12.88
H7 BVK A 1 -0.01 2.26 -13.30
H8 BVK A 1 -1.15 4.71 -13.60
H9 BVK A 1 -1.65 4.37 -11.92
H11 BVK A 1 5.13 3.46 -11.94
H12 BVK A 1 4.74 1.87 -12.64
H3 BVK A 1 3.91 1.31 -10.51
N SER A 2 -1.41 6.99 -11.27
CA SER A 2 -1.40 6.46 -9.92
C SER A 2 -2.81 6.24 -9.40
N LEU A 3 -3.40 5.10 -9.75
CA LEU A 3 -4.73 4.62 -9.43
C LEU A 3 -4.82 4.06 -8.01
N GLU A 4 -4.17 2.89 -7.88
CA GLU A 4 -3.89 2.13 -6.68
C GLU A 4 -2.71 2.75 -5.95
N GLN A 5 -1.76 3.44 -6.59
CA GLN A 5 -0.35 3.43 -6.29
C GLN A 5 -0.01 4.30 -5.09
N GLU A 6 -0.70 5.42 -4.88
CA GLU A 6 -0.50 6.34 -3.78
C GLU A 6 -1.35 5.89 -2.60
N TRP A 7 -2.15 4.83 -2.77
CA TRP A 7 -2.92 4.28 -1.67
C TRP A 7 -2.46 2.90 -1.26
N AIB A 8 -2.01 2.02 -2.16
CA AIB A 8 -1.13 0.89 -1.97
C AIB A 8 -0.08 1.26 -0.94
O AIB A 8 0.09 0.66 0.12
CB1 AIB A 8 -0.57 0.55 -3.35
CB2 AIB A 8 -1.97 -0.28 -1.46
H AIB A 8 -2.09 2.37 -3.11
HB11 AIB A 8 -1.39 0.39 -4.04
HB12 AIB A 8 0.01 1.41 -3.67
HB13 AIB A 8 0.07 -0.34 -3.34
HB21 AIB A 8 -1.36 -1.18 -1.45
HB22 AIB A 8 -2.31 -0.04 -0.45
HB23 AIB A 8 -2.83 -0.43 -2.11
N LYS A 9 0.65 2.34 -1.26
CA LYS A 9 1.70 2.99 -0.51
C LYS A 9 1.31 3.53 0.85
N ILE A 10 0.01 3.75 1.05
CA ILE A 10 -0.65 4.12 2.30
C ILE A 10 -0.82 2.80 3.03
N GLU A 11 -1.33 1.70 2.47
CA GLU A 11 -1.52 0.54 3.32
C GLU A 11 -0.22 -0.12 3.78
N CYS A 12 0.74 -0.26 2.87
CA CYS A 12 2.09 -0.72 3.13
C CYS A 12 2.96 0.07 4.10
N GLU A 13 2.62 1.36 4.26
CA GLU A 13 2.96 2.11 5.45
C GLU A 13 2.15 1.67 6.65
N VAL A 14 2.77 0.68 7.28
CA VAL A 14 2.15 -0.35 8.09
C VAL A 14 1.18 0.25 9.10
N TYR A 15 -0.10 -0.06 8.84
CA TYR A 15 -1.03 -0.18 9.94
C TYR A 15 -1.57 -1.60 9.94
N GLY A 16 -0.95 -2.50 9.15
CA GLY A 16 -1.24 -3.91 9.00
C GLY A 16 -2.44 -4.16 8.09
N LYS A 17 -2.19 -3.81 6.83
CA LYS A 17 -3.29 -3.87 5.88
C LYS A 17 -2.93 -4.39 4.50
N CYS A 18 -1.80 -3.93 3.92
CA CYS A 18 -1.33 -4.49 2.67
C CYS A 18 -0.82 -5.92 2.76
N PRO A 19 -0.88 -6.78 1.74
CA PRO A 19 -0.39 -8.15 1.75
C PRO A 19 1.09 -8.16 2.05
N PRO A 20 1.56 -8.83 3.10
CA PRO A 20 2.44 -8.11 4.00
C PRO A 20 3.77 -7.70 3.37
N LYS A 21 3.96 -6.38 3.29
CA LYS A 21 5.14 -5.63 2.92
C LYS A 21 5.23 -4.31 3.66
N LYN A 22 6.41 -3.71 3.85
CA LYN A 22 6.68 -2.41 4.44
CB LYN A 22 7.67 -2.72 5.56
CG LYN A 22 7.79 -1.59 6.57
CD LYN A 22 9.15 -0.91 6.73
CE LYN A 22 10.37 -1.76 7.07
NZ LYN A 22 11.64 -1.06 7.23
C LYN A 22 7.25 -1.38 3.47
O LYN A 22 8.14 -1.67 2.67
NT LYN A 22 6.64 -0.19 3.58
H LYN A 22 7.16 -4.22 3.43
HA LYN A 22 5.77 -2.05 4.90
HB2 LYN A 22 8.67 -2.99 5.21
HB3 LYN A 22 7.24 -3.57 6.11
HG2 LYN A 22 7.51 -2.05 7.53
HG3 LYN A 22 7.05 -0.83 6.31
HD2 LYN A 22 9.07 -0.11 7.45
HD3 LYN A 22 9.40 -0.51 5.74
HE2 LYN A 22 10.52 -2.61 6.40
HE3 LYN A 22 10.13 -2.14 8.06
HZ1 LYN A 22 12.37 -1.74 7.39
HZ2 LYN A 22 11.87 -0.53 6.41
HZ3 LYN A 22 11.58 -0.44 8.02
HNT1 LYN A 22 6.01 -0.03 4.35
HNT2 LYN A 22 7.00 0.59 3.06
N1 BVK A 1 -0.38 1.05 -15.10
C2 BVK A 1 -1.29 5.03 -13.51
C3 BVK A 1 -1.85 3.83 -13.93
C4 BVK A 1 -1.29 2.63 -13.52
C5 BVK A 1 -0.23 2.67 -12.60
C6 BVK A 1 0.26 3.87 -12.09
CA BVK A 1 0.49 6.37 -12.30
C BVK A 1 -0.28 7.63 -11.92
O BVK A 1 -0.16 8.73 -12.46
C1 BVK A 1 -0.19 5.07 -12.66
C7 BVK A 1 -1.56 1.34 -14.26
H1 BVK A 1 -0.11 1.80 -15.72
H2 BVK A 1 0.36 0.87 -14.44
H4 BVK A 1 -1.64 5.99 -13.87
H5 BVK A 1 -2.70 3.81 -14.62
H6 BVK A 1 0.14 1.74 -12.18
H7 BVK A 1 1.01 3.83 -11.32
H8 BVK A 1 1.08 6.09 -11.41
H9 BVK A 1 1.17 6.55 -13.13
H11 BVK A 1 -2.39 1.44 -14.96
H12 BVK A 1 -1.78 0.53 -13.56
H3 BVK A 1 -0.58 0.22 -15.65
N SER A 2 -1.20 7.62 -10.95
CA SER A 2 -1.47 6.55 -10.01
C SER A 2 -2.94 6.12 -9.94
N LEU A 3 -3.21 4.81 -9.91
CA LEU A 3 -4.54 4.28 -9.77
C LEU A 3 -4.74 3.86 -8.31
N GLU A 4 -3.99 2.80 -7.98
CA GLU A 4 -3.95 2.23 -6.65
C GLU A 4 -2.72 2.79 -5.92
N GLN A 5 -1.70 3.32 -6.62
CA GLN A 5 -0.28 3.14 -6.36
C GLN A 5 0.20 4.05 -5.23
N GLU A 6 -0.42 5.21 -5.04
CA GLU A 6 -0.25 6.13 -3.93
C GLU A 6 -1.13 5.86 -2.71
N TRP A 7 -2.04 4.89 -2.80
CA TRP A 7 -2.92 4.41 -1.76
C TRP A 7 -2.57 3.00 -1.27
N AIB A 8 -2.01 2.18 -2.16
CA AIB A 8 -1.14 1.04 -1.94
C AIB A 8 -0.01 1.50 -1.03
O AIB A 8 0.33 0.88 -0.03
CB1 AIB A 8 -0.68 0.59 -3.31
CB2 AIB A 8 -1.80 -0.18 -1.30
H AIB A 8 -2.18 2.25 -3.15
HB11 AIB A 8 -0.05 -0.28 -3.23
HB12 AIB A 8 -1.51 0.37 -3.99
HB13 AIB A 8 -0.10 1.44 -3.73
HB21 AIB A 8 -1.00 -0.92 -1.17
HB22 AIB A 8 -2.20 0.10 -0.33
HB23 AIB A 8 -2.59 -0.62 -1.91
N LYS A 9 0.56 2.68 -1.27
CA LYS A 9 1.49 3.32 -0.36
C LYS A 9 1.04 3.78 1.03
N ILE A 10 -0.27 3.89 1.26
CA ILE A 10 -0.88 4.07 2.55
C ILE A 10 -0.89 2.75 3.32
N GLU A 11 -1.22 1.60 2.74
CA GLU A 11 -1.40 0.37 3.49
C GLU A 11 -0.13 -0.45 3.70
N CYS A 12 0.77 -0.29 2.73
CA CYS A 12 2.15 -0.71 2.76
C CYS A 12 2.95 0.22 3.66
N GLU A 13 2.49 1.33 4.24
CA GLU A 13 2.88 1.63 5.59
C GLU A 13 1.98 0.79 6.49
N VAL A 14 2.54 -0.24 7.15
CA VAL A 14 1.85 -1.46 7.52
C VAL A 14 0.64 -1.23 8.40
N TYR A 15 -0.44 -1.68 7.80
CA TYR A 15 -1.57 -2.20 8.53
C TYR A 15 -2.34 -3.21 7.69
N GLY A 16 -2.22 -3.17 6.36
CA GLY A 16 -2.98 -4.01 5.47
C GLY A 16 -2.19 -4.71 4.37
N LYS A 17 -1.02 -4.24 3.96
CA LYS A 17 -0.33 -4.78 2.81
C LYS A 17 1.13 -5.15 3.08
N CYS A 18 2.09 -4.52 2.40
CA CYS A 18 3.42 -5.12 2.34
C CYS A 18 4.21 -4.83 3.60
N PRO A 19 5.23 -5.58 4.00
CA PRO A 19 6.26 -5.08 4.88
C PRO A 19 7.06 -3.95 4.23
N PRO A 20 7.40 -2.90 4.99
CA PRO A 20 6.83 -1.66 4.54
C PRO A 20 7.42 -1.25 3.20
N LYS A 21 6.52 -0.76 2.34
CA LYS A 21 6.84 0.01 1.17
C LYS A 21 5.98 1.26 0.98
N LYN A 22 6.44 2.33 1.62
CA LYN A 22 5.64 3.53 1.89
CB LYN A 22 5.83 4.08 3.30
CG LYN A 22 7.13 4.84 3.51
CD LYN A 22 7.31 5.15 4.99
CE LYN A 22 8.60 5.94 5.22
NZ LYN A 22 8.94 6.15 6.64
C LYN A 22 5.79 4.63 0.86
O LYN A 22 5.07 5.63 1.03
NT LYN A 22 6.75 4.63 -0.05
H LYN A 22 7.38 2.36 2.00
HA LYN A 22 4.60 3.21 1.85
HB2 LYN A 22 5.83 3.22 3.98
HB3 LYN A 22 4.99 4.74 3.56
HG2 LYN A 22 7.07 5.71 2.87
HG3 LYN A 22 8.02 4.25 3.25
HD2 LYN A 22 7.43 4.19 5.51
HD3 LYN A 22 6.48 5.70 5.42
HE2 LYN A 22 8.49 6.85 4.64
HE3 LYN A 22 9.42 5.35 4.81
HZ1 LYN A 22 9.88 6.51 6.67
HZ2 LYN A 22 8.30 6.81 7.07
HZ3 LYN A 22 8.89 5.27 7.15
HNT1 LYN A 22 7.27 3.77 -0.19
HNT2 LYN A 22 6.82 5.37 -0.74
N1 BVK A 1 -0.42 0.04 -13.32
C2 BVK A 1 -0.78 4.47 -12.82
C3 BVK A 1 -0.19 3.25 -13.19
C4 BVK A 1 -0.85 2.30 -13.97
C5 BVK A 1 -2.22 2.48 -14.28
C6 BVK A 1 -2.85 3.67 -13.87
CA BVK A 1 -2.91 5.90 -12.86
C BVK A 1 -2.28 7.06 -12.10
O BVK A 1 -1.82 8.01 -12.72
C1 BVK A 1 -2.13 4.64 -13.17
C7 BVK A 1 -0.22 1.00 -14.42
H1 BVK A 1 -1.39 -0.11 -13.12
H2 BVK A 1 0.00 -0.82 -13.63
H4 BVK A 1 -0.21 5.28 -12.38
H5 BVK A 1 0.84 3.20 -12.92
H6 BVK A 1 -2.86 1.67 -14.60
H7 BVK A 1 -3.91 3.75 -14.03
H8 BVK A 1 -3.17 6.39 -13.80
H9 BVK A 1 -3.81 5.57 -12.34
H11 BVK A 1 0.81 1.30 -14.58
H12 BVK A 1 -0.65 0.66 -15.35
H3 BVK A 1 0.06 0.36 -12.49
N SER A 2 -2.19 7.12 -10.76
CA SER A 2 -2.41 6.09 -9.78
C SER A 2 -3.84 5.59 -9.69
N LEU A 3 -4.01 4.26 -9.79
CA LEU A 3 -5.17 3.49 -9.39
C LEU A 3 -4.80 3.09 -7.97
N GLU A 4 -3.92 2.08 -7.85
CA GLU A 4 -3.55 1.55 -6.55
C GLU A 4 -2.54 2.45 -5.85
N GLN A 5 -1.84 3.28 -6.63
CA GLN A 5 -0.42 3.34 -6.33
C GLN A 5 -0.11 4.23 -5.15
N GLU A 6 -0.75 5.39 -4.97
CA GLU A 6 -0.64 6.31 -3.86
C GLU A 6 -1.31 5.78 -2.59
N TRP A 7 -2.21 4.80 -2.65
CA TRP A 7 -2.98 4.29 -1.54
C TRP A 7 -2.45 2.93 -1.05
N AIB A 8 -1.96 2.04 -1.92
CA AIB A 8 -0.84 1.16 -1.68
C AIB A 8 0.27 1.82 -0.88
O AIB A 8 0.77 1.25 0.09
CB1 AIB A 8 -0.24 0.81 -3.04
CB2 AIB A 8 -1.45 -0.08 -1.05
H AIB A 8 -2.15 2.23 -2.90
HB11 AIB A 8 0.45 -0.02 -2.89
HB12 AIB A 8 -0.98 0.52 -3.79
HB13 AIB A 8 0.30 1.69 -3.39
HB21 AIB A 8 -0.63 -0.79 -0.94
HB22 AIB A 8 -1.86 0.14 -0.06
HB23 AIB A 8 -2.23 -0.53 -1.69
N LYS A 9 0.63 3.06 -1.21
CA LYS A 9 1.69 3.75 -0.49
C LYS A 9 1.29 4.24 0.89
N ILE A 10 0.00 4.31 1.17
CA ILE A 10 -0.45 4.41 2.56
C ILE A 10 -0.59 3.07 3.27
N GLU A 11 -1.20 2.04 2.69
CA GLU A 11 -1.44 0.77 3.37
C GLU A 11 -0.24 -0.16 3.44
N CYS A 12 0.60 -0.39 2.44
CA CYS A 12 1.45 -1.57 2.33
C CYS A 12 2.86 -1.26 1.89
N GLU A 13 3.14 -0.05 1.42
CA GLU A 13 4.41 0.52 1.85
C GLU A 13 4.33 0.81 3.35
N VAL A 14 4.86 -0.15 4.11
CA VAL A 14 4.50 -0.31 5.50
C VAL A 14 5.15 0.66 6.47
N TYR A 15 4.26 1.46 7.09
CA TYR A 15 4.22 1.54 8.55
C TYR A 15 3.34 0.51 9.24
N GLY A 16 2.50 -0.23 8.50
CA GLY A 16 1.98 -1.54 8.88
C GLY A 16 0.48 -1.78 8.81
N LYS A 17 -0.14 -1.21 7.76
CA LYS A 17 -1.57 -1.02 7.71
C LYS A 17 -2.27 -2.08 6.87
N CYS A 18 -1.70 -2.56 5.77
CA CYS A 18 -2.26 -3.56 4.88
C CYS A 18 -2.42 -4.94 5.50
N PRO A 19 -3.32 -5.73 4.89
CA PRO A 19 -3.37 -7.17 5.09
C PRO A 19 -2.04 -7.89 4.96
N PRO A 20 -1.61 -8.58 6.02
CA PRO A 20 -0.33 -8.45 6.67
C PRO A 20 0.88 -8.85 5.82
N LYS A 21 1.68 -7.88 5.38
CA LYS A 21 2.79 -7.96 4.46
C LYS A 21 3.88 -8.89 4.99
N LYN A 22 4.32 -9.82 4.13
CA LYN A 22 5.44 -10.70 4.41
CB LYN A 22 5.35 -12.02 3.65
CG LYN A 22 5.90 -11.89 2.23
CD LYN A 22 5.80 -13.17 1.41
CE LYN A 22 6.49 -14.43 1.95
NZ LYN A 22 6.44 -15.56 1.01
C LYN A 22 6.81 -10.02 4.38
O LYN A 22 6.97 -9.11 3.58
NT LYN A 22 7.71 -10.45 5.27
H LYN A 22 3.78 -10.01 3.32
HA LYN A 22 5.30 -10.96 5.46
HB2 LYN A 22 4.32 -12.33 3.53
HB3 LYN A 22 5.91 -12.80 4.17
HG2 LYN A 22 6.94 -11.57 2.23
HG3 LYN A 22 5.27 -11.10 1.79
HD2 LYN A 22 6.37 -13.04 0.49
HD3 LYN A 22 4.76 -13.36 1.18
HE2 LYN A 22 6.01 -14.75 2.88
HE3 LYN A 22 7.53 -14.16 2.15
HZ1 LYN A 22 6.83 -15.40 0.09
HZ2 LYN A 22 6.95 -16.31 1.45
HZ3 LYN A 22 5.47 -15.82 0.92
HNT1 LYN A 22 7.56 -11.30 5.79
HNT2 LYN A 22 8.52 -9.88 5.45
N1 BVK A 1 2.14 11.31 -13.02
C2 BVK A 1 -1.54 9.47 -12.16
C3 BVK A 1 -0.42 9.98 -12.85
C4 BVK A 1 -0.20 11.36 -12.81
C5 BVK A 1 -0.96 12.22 -12.01
C6 BVK A 1 -2.05 11.70 -11.31
CA BVK A 1 -3.52 9.87 -10.59
C BVK A 1 -3.42 9.77 -9.07
O BVK A 1 -3.65 10.77 -8.40
C1 BVK A 1 -2.33 10.32 -11.38
C7 BVK A 1 0.95 11.94 -13.59
H1 BVK A 1 2.92 11.64 -13.58
H2 BVK A 1 2.31 11.50 -12.05
H4 BVK A 1 -1.85 8.44 -12.27
H5 BVK A 1 0.17 9.29 -13.44
H6 BVK A 1 -0.83 13.29 -11.94
H7 BVK A 1 -2.76 12.25 -10.73
H8 BVK A 1 -4.32 10.56 -10.88
H9 BVK A 1 -3.79 8.88 -10.93
H11 BVK A 1 1.00 13.02 -13.52
H12 BVK A 1 0.77 11.65 -14.63
H3 BVK A 1 2.04 10.30 -13.16
N SER A 2 -2.72 8.77 -8.53
CA SER A 2 -2.30 7.50 -9.08
C SER A 2 -3.21 6.35 -8.63
N LEU A 3 -3.35 5.29 -9.42
CA LEU A 3 -4.65 4.69 -9.63
C LEU A 3 -4.97 3.53 -8.69
N GLU A 4 -3.93 2.79 -8.33
CA GLU A 4 -3.63 2.18 -7.05
C GLU A 4 -2.58 2.95 -6.26
N GLN A 5 -1.63 3.69 -6.84
CA GLN A 5 -0.25 3.44 -6.48
C GLN A 5 0.09 4.13 -5.17
N GLU A 6 -0.44 5.32 -4.92
CA GLU A 6 -0.12 6.06 -3.72
C GLU A 6 -1.05 5.59 -2.61
N TRP A 7 -2.20 5.05 -3.01
CA TRP A 7 -3.30 4.69 -2.12
C TRP A 7 -3.10 3.32 -1.50
N AIB A 8 -2.56 2.35 -2.25
CA AIB A 8 -1.95 1.12 -1.78
C AIB A 8 -0.80 1.26 -0.81
O AIB A 8 -0.81 0.68 0.27
CB1 AIB A 8 -1.49 0.47 -3.08
CB2 AIB A 8 -3.07 0.24 -1.23
H AIB A 8 -2.41 2.55 -3.22
HB11 AIB A 8 -0.66 1.01 -3.54
HB12 AIB A 8 -1.19 -0.56 -2.90
HB13 AIB A 8 -2.35 0.48 -3.75
HB21 AIB A 8 -3.85 0.08 -1.99
HB22 AIB A 8 -2.65 -0.72 -0.95
HB23 AIB A 8 -3.50 0.71 -0.35
N LYS A 9 0.01 2.29 -1.11
CA LYS A 9 1.19 2.59 -0.32
C LYS A 9 0.96 3.04 1.11
N ILE A 10 -0.26 3.50 1.39
CA ILE A 10 -0.73 3.99 2.67
C ILE A 10 -0.64 2.73 3.53
N GLU A 11 -1.03 1.57 2.96
CA GLU A 11 -1.03 0.29 3.64
C GLU A 11 0.26 -0.49 3.66
N CYS A 12 1.24 0.03 2.91
CA CYS A 12 2.64 -0.37 2.97
C CYS A 12 3.34 0.40 4.08
N GLU A 13 2.64 1.29 4.78
CA GLU A 13 2.84 1.54 6.20
C GLU A 13 1.97 0.50 6.90
N VAL A 14 2.62 -0.49 7.51
CA VAL A 14 2.03 -1.81 7.53
C VAL A 14 0.75 -1.88 8.36
N TYR A 15 -0.36 -2.02 7.62
CA TYR A 15 -1.69 -2.32 8.09
C TYR A 15 -2.59 -3.11 7.15
N GLY A 16 -2.01 -3.61 6.07
CA GLY A 16 -2.63 -4.68 5.31
C GLY A 16 -1.80 -5.13 4.11
N LYS A 17 -0.66 -4.51 3.83
CA LYS A 17 0.00 -4.49 2.53
C LYS A 17 1.51 -4.71 2.59
N CYS A 18 2.32 -4.08 1.75
CA CYS A 18 3.64 -4.52 1.37
C CYS A 18 4.72 -4.24 2.41
N PRO A 19 5.75 -5.08 2.51
CA PRO A 19 6.91 -4.87 3.34
C PRO A 19 7.81 -3.74 2.88
N PRO A 20 8.21 -2.91 3.87
CA PRO A 20 7.45 -1.68 3.85
C PRO A 20 7.83 -0.66 2.77
N LYS A 21 6.85 0.11 2.30
CA LYS A 21 7.04 1.22 1.39
C LYS A 21 6.69 2.58 1.99
N LYN A 22 6.15 2.64 3.22
CA LYN A 22 6.08 3.80 4.07
CB LYN A 22 4.73 4.49 3.93
CG LYN A 22 4.59 5.42 2.72
CD LYN A 22 3.18 6.01 2.59
CE LYN A 22 2.89 7.17 3.54
NZ LYN A 22 1.51 7.63 3.30
C LYN A 22 6.44 3.43 5.50
O LYN A 22 6.28 2.28 5.91
NT LYN A 22 6.90 4.28 6.42
H LYN A 22 6.03 1.75 3.66
HA LYN A 22 6.85 4.54 3.81
HB2 LYN A 22 4.52 5.02 4.87
HB3 LYN A 22 4.05 3.65 3.84
HG2 LYN A 22 4.77 4.82 1.82
HG3 LYN A 22 5.32 6.22 2.78
HD2 LYN A 22 2.49 5.20 2.87
HD3 LYN A 22 2.96 6.36 1.59
HE2 LYN A 22 3.58 8.00 3.42
HE3 LYN A 22 2.85 6.88 4.58
HZ1 LYN A 22 1.40 7.70 2.29
HZ2 LYN A 22 0.83 6.98 3.66
HZ3 LYN A 22 1.36 8.54 3.72
HNT1 LYN A 22 6.91 5.26 6.16
HNT2 LYN A 22 6.88 4.03 7.39
N1 BVK A 1 3.94 4.99 -10.17
C2 BVK A 1 0.38 6.93 -11.55
C3 BVK A 1 1.72 6.54 -11.39
C4 BVK A 1 2.08 5.23 -11.71
C5 BVK A 1 1.11 4.27 -12.02
C6 BVK A 1 -0.19 4.69 -12.28
CA BVK A 1 -2.02 6.40 -12.15
C BVK A 1 -2.59 7.59 -11.37
O BVK A 1 -2.75 8.67 -11.94
C1 BVK A 1 -0.57 6.01 -12.01
C7 BVK A 1 3.55 4.87 -11.59
H1 BVK A 1 3.57 4.19 -9.66
H2 BVK A 1 4.94 5.02 -10.07
H4 BVK A 1 0.08 7.92 -11.28
H5 BVK A 1 2.47 7.30 -11.19
H6 BVK A 1 1.32 3.21 -12.17
H7 BVK A 1 -0.91 3.98 -12.64
H8 BVK A 1 -2.30 6.76 -13.14
H9 BVK A 1 -2.61 5.52 -11.90
H11 BVK A 1 4.14 5.50 -12.23
H12 BVK A 1 3.68 3.83 -11.85
H3 BVK A 1 3.53 5.83 -9.78
N SER A 2 -3.08 7.49 -10.14
CA SER A 2 -2.97 6.33 -9.29
C SER A 2 -4.23 5.49 -9.42
N LEU A 3 -4.13 4.17 -9.64
CA LEU A 3 -5.20 3.21 -9.59
C LEU A 3 -5.19 2.58 -8.21
N GLU A 4 -4.02 2.06 -7.85
CA GLU A 4 -3.59 1.77 -6.48
C GLU A 4 -2.65 2.80 -5.90
N GLN A 5 -1.93 3.57 -6.72
CA GLN A 5 -0.49 3.63 -6.50
C GLN A 5 -0.02 4.45 -5.31
N GLU A 6 -0.68 5.59 -5.04
CA GLU A 6 -0.41 6.26 -3.80
C GLU A 6 -1.18 5.78 -2.58
N TRP A 7 -2.15 4.87 -2.74
CA TRP A 7 -3.02 4.30 -1.73
C TRP A 7 -2.55 2.92 -1.27
N AIB A 8 -2.01 2.11 -2.18
CA AIB A 8 -1.10 0.99 -1.97
C AIB A 8 -0.04 1.44 -0.99
O AIB A 8 0.25 0.79 0.02
CB1 AIB A 8 -0.39 0.74 -3.29
CB2 AIB A 8 -1.93 -0.25 -1.64
H AIB A 8 -2.29 2.40 -3.11
HB11 AIB A 8 -1.13 0.39 -4.01
HB12 AIB A 8 0.11 1.62 -3.70
HB13 AIB A 8 0.35 -0.04 -3.12
HB21 AIB A 8 -1.30 -1.13 -1.54
HB22 AIB A 8 -2.30 0.04 -0.66
HB23 AIB A 8 -2.77 -0.47 -2.30
N LYS A 9 0.52 2.61 -1.29
CA LYS A 9 1.58 3.26 -0.54
C LYS A 9 1.19 3.68 0.88
N ILE A 10 -0.09 3.94 1.15
CA ILE A 10 -0.54 4.24 2.50
C ILE A 10 -0.50 2.92 3.27
N GLU A 11 -1.15 1.87 2.76
CA GLU A 11 -1.46 0.65 3.46
C GLU A 11 -0.50 -0.52 3.28
N CYS A 12 0.64 -0.37 2.62
CA CYS A 12 1.86 -1.10 2.86
C CYS A 12 2.57 -0.87 4.18
N GLU A 13 2.27 0.27 4.81
CA GLU A 13 2.21 0.26 6.26
C GLU A 13 0.89 -0.40 6.64
N VAL A 14 1.09 -1.51 7.34
CA VAL A 14 0.22 -2.66 7.19
C VAL A 14 -1.22 -2.39 7.57
N TYR A 15 -2.02 -2.40 6.50
CA TYR A 15 -3.36 -2.91 6.62
C TYR A 15 -3.69 -4.10 5.75
N GLY A 16 -2.67 -4.86 5.29
CA GLY A 16 -2.77 -6.02 4.43
C GLY A 16 -3.28 -5.58 3.07
N LYS A 17 -2.84 -4.49 2.42
CA LYS A 17 -3.11 -4.17 1.03
C LYS A 17 -1.88 -4.32 0.13
N CYS A 18 -0.65 -4.20 0.63
CA CYS A 18 0.53 -4.22 -0.21
C CYS A 18 0.62 -5.47 -1.10
N PRO A 19 0.72 -5.37 -2.42
CA PRO A 19 0.64 -6.45 -3.38
C PRO A 19 1.81 -7.41 -3.16
N PRO A 20 1.58 -8.67 -2.82
CA PRO A 20 0.33 -9.38 -2.59
C PRO A 20 0.10 -9.44 -1.09
N LYS A 21 -1.08 -8.96 -0.68
CA LYS A 21 -1.60 -9.05 0.66
C LYS A 21 -3.11 -8.85 0.65
N LYN A 22 -3.74 -9.77 1.36
CA LYN A 22 -5.14 -9.75 1.77
CB LYN A 22 -5.75 -11.08 1.28
CG LYN A 22 -6.16 -11.18 -0.18
CD LYN A 22 -7.29 -12.19 -0.35
CE LYN A 22 -7.14 -12.50 -1.83
NZ LYN A 22 -8.12 -13.56 -2.15
C LYN A 22 -5.30 -9.51 3.26
O LYN A 22 -4.34 -9.50 4.04
NT LYN A 22 -6.54 -9.25 3.67
H LYN A 22 -3.23 -10.51 1.82
HA LYN A 22 -5.71 -8.94 1.30
HB2 LYN A 22 -6.70 -11.19 1.82
HB3 LYN A 22 -5.10 -11.91 1.52
HG2 LYN A 22 -5.24 -11.46 -0.67
HG3 LYN A 22 -6.40 -10.14 -0.44
HD2 LYN A 22 -8.21 -11.71 -0.06
HD3 LYN A 22 -7.07 -13.01 0.34
HE2 LYN A 22 -6.09 -12.64 -2.09
HE3 LYN A 22 -7.50 -11.57 -2.26
HZ1 LYN A 22 -8.12 -13.76 -3.14
HZ2 LYN A 22 -7.86 -14.39 -1.63
HZ3 LYN A 22 -9.04 -13.27 -1.86
HNT1 LYN A 22 -7.30 -9.34 3.02
HNT2 LYN A 22 -6.73 -9.22 4.67
N1 BVK A 1 -0.32 0.83 -15.02
C2 BVK A 1 -1.11 4.66 -13.42
C3 BVK A 1 -1.45 3.34 -13.71
C4 BVK A 1 -0.64 2.33 -13.17
C5 BVK A 1 0.49 2.68 -12.41
C6 BVK A 1 0.84 4.02 -12.17
CA BVK A 1 0.26 6.46 -12.25
C BVK A 1 -0.88 7.46 -12.10
O BVK A 1 -1.18 8.18 -13.05
C1 BVK A 1 0.00 5.02 -12.66
C7 BVK A 1 -0.90 0.93 -13.67
H1 BVK A 1 -0.67 -0.04 -15.37
H2 BVK A 1 -0.64 1.58 -15.62
H4 BVK A 1 -1.82 5.38 -13.80
H5 BVK A 1 -2.31 3.05 -14.30
H6 BVK A 1 1.11 1.90 -12.03
H7 BVK A 1 1.62 4.28 -11.46
H8 BVK A 1 0.84 6.39 -11.33
H9 BVK A 1 0.83 6.98 -13.01
H11 BVK A 1 -1.96 0.69 -13.69
H12 BVK A 1 -0.37 0.25 -13.00
H3 BVK A 1 0.68 0.81 -15.01
N SER A 2 -1.83 7.06 -11.23
CA SER A 2 -1.79 6.04 -10.21
C SER A 2 -3.20 5.53 -9.97
N LEU A 3 -3.46 4.23 -10.09
CA LEU A 3 -4.72 3.59 -9.79
C LEU A 3 -4.74 3.15 -8.32
N GLU A 4 -3.82 2.27 -7.92
CA GLU A 4 -3.57 1.73 -6.60
C GLU A 4 -2.52 2.57 -5.87
N GLN A 5 -1.67 3.26 -6.62
CA GLN A 5 -0.29 3.37 -6.17
C GLN A 5 -0.13 4.47 -5.14
N GLU A 6 -0.97 5.50 -5.00
CA GLU A 6 -0.87 6.39 -3.86
C GLU A 6 -1.47 5.85 -2.57
N TRP A 7 -2.34 4.84 -2.65
CA TRP A 7 -3.02 4.24 -1.51
C TRP A 7 -2.43 2.89 -1.10
N AIB A 8 -1.96 2.05 -2.02
CA AIB A 8 -0.95 1.03 -1.80
C AIB A 8 0.35 1.58 -1.22
O AIB A 8 1.01 0.93 -0.42
CB1 AIB A 8 -0.55 0.58 -3.22
CB2 AIB A 8 -1.57 -0.11 -1.01
H AIB A 8 -2.36 2.18 -2.94
HB11 AIB A 8 -0.06 1.45 -3.62
HB12 AIB A 8 0.14 -0.26 -3.18
HB13 AIB A 8 -1.41 0.33 -3.84
HB21 AIB A 8 -2.10 0.27 -0.15
HB22 AIB A 8 -2.27 -0.64 -1.67
HB23 AIB A 8 -0.79 -0.79 -0.71
N LYS A 9 0.69 2.86 -1.41
CA LYS A 9 1.75 3.63 -0.78
C LYS A 9 1.46 4.09 0.65
N ILE A 10 0.19 4.03 1.08
CA ILE A 10 -0.19 4.23 2.47
C ILE A 10 -0.21 2.85 3.09
N GLU A 11 -0.97 1.90 2.56
CA GLU A 11 -1.56 0.78 3.27
C GLU A 11 -0.62 -0.42 3.41
N CYS A 12 0.50 -0.39 2.68
CA CYS A 12 1.52 -1.41 2.80
C CYS A 12 2.11 -1.48 4.21
N GLU A 13 2.41 -0.33 4.80
CA GLU A 13 2.61 -0.28 6.24
C GLU A 13 1.22 -0.55 6.79
N VAL A 14 1.04 -1.68 7.49
CA VAL A 14 -0.29 -2.27 7.62
C VAL A 14 -1.37 -1.35 8.18
N TYR A 15 -2.13 -0.81 7.22
CA TYR A 15 -3.56 -1.04 7.11
C TYR A 15 -3.96 -2.30 6.36
N GLY A 16 -2.98 -2.95 5.69
CA GLY A 16 -3.00 -4.30 5.19
C GLY A 16 -3.47 -4.34 3.74
N LYS A 17 -2.64 -3.87 2.80
CA LYS A 17 -2.84 -4.02 1.38
C LYS A 17 -1.74 -4.69 0.58
N CYS A 18 -0.45 -4.43 0.82
CA CYS A 18 0.63 -5.30 0.39
C CYS A 18 0.86 -6.52 1.28
N PRO A 19 1.67 -7.53 0.96
CA PRO A 19 2.22 -8.50 1.90
C PRO A 19 2.88 -7.84 3.10
N PRO A 20 2.73 -8.29 4.34
CA PRO A 20 2.50 -7.30 5.36
C PRO A 20 3.79 -6.71 5.91
N LYS A 21 4.06 -5.46 5.54
CA LYS A 21 5.07 -4.55 6.04
C LYS A 21 4.57 -3.85 7.31
N LYN A 22 5.56 -3.53 8.15
CA LYN A 22 5.47 -2.81 9.40
CB LYN A 22 6.10 -3.61 10.53
CG LYN A 22 5.68 -5.06 10.76
CD LYN A 22 6.62 -5.68 11.79
CE LYN A 22 6.10 -7.08 12.09
NZ LYN A 22 5.96 -8.00 10.95
C LYN A 22 6.07 -1.41 9.28
O LYN A 22 5.71 -0.56 10.07
NT LYN A 22 6.88 -1.15 8.26
H LYN A 22 6.49 -3.87 7.95
HA LYN A 22 4.40 -2.72 9.57
HB2 LYN A 22 5.77 -3.14 11.46
HB3 LYN A 22 7.18 -3.54 10.43
HG2 LYN A 22 5.78 -5.55 9.78
HG3 LYN A 22 4.68 -5.21 11.13
HD2 LYN A 22 6.60 -5.18 12.77
HD3 LYN A 22 7.65 -5.81 11.47
HE2 LYN A 22 5.12 -6.97 12.57
HE3 LYN A 22 6.81 -7.52 12.80
HZ1 LYN A 22 5.14 -7.68 10.44
HZ2 LYN A 22 6.75 -7.98 10.32
HZ3 LYN A 22 5.80 -8.95 11.28
HNT1 LYN A 22 6.96 -1.83 7.51
HNT2 LYN A 22 7.25 -0.21 8.10
N1 BVK A 1 -2.16 10.90 -15.01
C2 BVK A 1 0.21 9.29 -11.67
C3 BVK A 1 -0.03 10.07 -12.81
C4 BVK A 1 -1.13 10.93 -12.83
C5 BVK A 1 -2.06 10.92 -11.78
C6 BVK A 1 -1.82 10.12 -10.65
CA BVK A 1 -0.34 8.63 -9.27
C BVK A 1 -0.25 7.11 -9.27
O BVK A 1 0.83 6.53 -9.36
C1 BVK A 1 -0.61 9.41 -10.52
C7 BVK A 1 -1.52 11.77 -14.02
H1 BVK A 1 -3.12 10.74 -14.75
H2 BVK A 1 -2.13 11.37 -15.90
H4 BVK A 1 1.06 8.64 -11.65
H5 BVK A 1 0.66 9.89 -13.63
H6 BVK A 1 -3.00 11.43 -11.83
H7 BVK A 1 -2.55 10.04 -9.88
H8 BVK A 1 0.67 8.91 -8.98
H9 BVK A 1 -1.03 8.92 -8.47
H11 BVK A 1 -0.56 12.20 -14.31
H12 BVK A 1 -2.18 12.57 -13.71
H3 BVK A 1 -1.68 10.01 -15.07
N SER A 2 -1.25 6.29 -9.59
CA SER A 2 -2.53 6.66 -10.13
C SER A 2 -3.69 5.80 -9.68
N LEU A 3 -3.67 4.48 -9.84
CA LEU A 3 -4.88 3.69 -9.68
C LEU A 3 -4.97 2.96 -8.34
N GLU A 4 -3.85 2.28 -8.07
CA GLU A 4 -3.62 1.75 -6.75
C GLU A 4 -2.59 2.57 -6.00
N GLN A 5 -1.70 3.27 -6.69
CA GLN A 5 -0.33 3.32 -6.24
C GLN A 5 -0.04 4.24 -5.06
N GLU A 6 -0.78 5.35 -5.03
CA GLU A 6 -0.67 6.32 -3.95
C GLU A 6 -1.38 6.00 -2.63
N TRP A 7 -2.31 5.05 -2.77
CA TRP A 7 -3.06 4.52 -1.66
C TRP A 7 -2.44 3.21 -1.19
N AIB A 8 -1.99 2.34 -2.10
CA AIB A 8 -1.16 1.19 -1.77
C AIB A 8 0.01 1.58 -0.88
O AIB A 8 0.25 0.95 0.16
CB1 AIB A 8 -0.69 0.74 -3.16
CB2 AIB A 8 -1.97 0.01 -1.23
H AIB A 8 -2.15 2.58 -3.05
HB11 AIB A 8 -1.53 0.63 -3.84
HB12 AIB A 8 0.01 1.47 -3.57
HB13 AIB A 8 -0.20 -0.22 -3.03
HB21 AIB A 8 -2.44 -0.45 -2.09
HB22 AIB A 8 -1.40 -0.75 -0.68
HB23 AIB A 8 -2.71 0.45 -0.57
N LYS A 9 0.65 2.70 -1.18
CA LYS A 9 1.74 3.28 -0.43
C LYS A 9 1.37 3.56 1.02
N ILE A 10 0.10 3.90 1.27
CA ILE A 10 -0.46 4.17 2.58
C ILE A 10 -0.96 2.95 3.36
N GLU A 11 -1.34 1.86 2.70
CA GLU A 11 -1.47 0.58 3.36
C GLU A 11 -0.17 -0.15 3.64
N CYS A 12 0.76 -0.18 2.69
CA CYS A 12 1.86 -1.13 2.64
C CYS A 12 3.14 -0.52 3.19
N GLU A 13 3.16 0.78 3.50
CA GLU A 13 3.77 1.08 4.77
C GLU A 13 2.90 0.47 5.88
N VAL A 14 3.39 -0.63 6.45
CA VAL A 14 2.50 -1.69 6.88
C VAL A 14 1.68 -1.17 8.05
N TYR A 15 0.36 -1.18 7.87
CA TYR A 15 -0.57 -1.26 8.99
C TYR A 15 -1.34 -2.56 8.80
N GLY A 16 -0.73 -3.57 8.19
CA GLY A 16 -1.29 -4.89 7.95
C GLY A 16 -2.35 -4.98 6.87
N LYS A 17 -2.23 -4.22 5.77
CA LYS A 17 -3.29 -3.58 5.03
C LYS A 17 -3.17 -3.87 3.54
N CYS A 18 -1.97 -3.80 2.94
CA CYS A 18 -1.77 -4.39 1.63
C CYS A 18 -1.62 -5.90 1.72
N PRO A 19 -2.10 -6.59 0.67
CA PRO A 19 -2.12 -8.03 0.65
C PRO A 19 -0.72 -8.54 0.94
N PRO A 20 -0.59 -9.66 1.67
CA PRO A 20 0.55 -9.77 2.55
C PRO A 20 1.94 -9.44 2.02
N LYS A 21 2.54 -8.48 2.72
CA LYS A 21 3.80 -7.91 2.26
C LYS A 21 5.04 -8.79 2.43
N LYN A 22 5.65 -9.24 1.33
CA LYN A 22 6.84 -10.06 1.32
CB LYN A 22 6.87 -10.79 -0.02
CG LYN A 22 5.69 -11.74 -0.15
CD LYN A 22 5.66 -12.46 -1.49
CE LYN A 22 5.09 -11.54 -2.58
NZ LYN A 22 6.12 -10.60 -3.06
C LYN A 22 8.17 -9.31 1.46
O LYN A 22 9.10 -9.95 1.96
NT LYN A 22 8.30 -8.05 1.04
H LYN A 22 5.19 -9.06 0.46
HA LYN A 22 6.89 -10.74 2.18
HB2 LYN A 22 7.76 -11.41 -0.11
HB3 LYN A 22 6.87 -10.03 -0.80
HG2 LYN A 22 4.77 -11.20 0.06
HG3 LYN A 22 5.80 -12.54 0.58
HD2 LYN A 22 4.99 -13.29 -1.31
HD3 LYN A 22 6.66 -12.84 -1.70
HE2 LYN A 22 4.21 -11.01 -2.23
HE3 LYN A 22 4.81 -12.27 -3.34
HZ1 LYN A 22 5.87 -10.22 -3.97
HZ2 LYN A 22 6.11 -9.87 -2.38
HZ3 LYN A 22 7.04 -11.00 -3.13
HNT1 LYN A 22 7.51 -7.51 0.73
HNT2 LYN A 22 9.24 -7.70 0.89
N1 BVK A 1 1.21 0.28 -13.72
C2 BVK A 1 0.32 4.93 -13.42
C3 BVK A 1 -0.01 3.65 -13.89
C4 BVK A 1 0.44 2.59 -13.11
C5 BVK A 1 1.18 2.75 -11.93
C6 BVK A 1 1.56 4.05 -11.54
CA BVK A 1 1.52 6.50 -11.77
C BVK A 1 0.40 7.55 -11.84
O BVK A 1 0.51 8.53 -12.59
C1 BVK A 1 1.09 5.15 -12.28
C7 BVK A 1 0.06 1.18 -13.48
H1 BVK A 1 1.53 0.00 -12.81
H2 BVK A 1 0.91 -0.52 -14.25
H4 BVK A 1 -0.01 5.83 -13.91
H5 BVK A 1 -0.57 3.54 -14.81
H6 BVK A 1 1.63 1.95 -11.37
H7 BVK A 1 2.19 4.21 -10.68
H8 BVK A 1 1.86 6.37 -10.74
H9 BVK A 1 2.36 6.73 -12.40
H11 BVK A 1 -0.45 1.19 -14.45
H12 BVK A 1 -0.60 0.76 -12.73
H3 BVK A 1 1.96 0.74 -14.21
N SER A 2 -0.70 7.36 -11.13
CA SER A 2 -1.05 6.33 -10.16
C SER A 2 -2.41 5.71 -10.45
N LEU A 3 -2.59 4.40 -10.41
CA LEU A 3 -3.87 3.72 -10.27
C LEU A 3 -4.23 3.34 -8.84
N GLU A 4 -3.54 2.34 -8.28
CA GLU A 4 -3.63 1.92 -6.90
C GLU A 4 -2.62 2.68 -6.05
N GLN A 5 -1.61 3.28 -6.67
CA GLN A 5 -0.24 3.26 -6.21
C GLN A 5 -0.06 4.14 -4.97
N GLU A 6 -0.60 5.34 -4.83
CA GLU A 6 -0.35 6.12 -3.63
C GLU A 6 -1.19 5.67 -2.45
N TRP A 7 -2.26 4.95 -2.80
CA TRP A 7 -3.31 4.45 -1.94
C TRP A 7 -2.93 3.10 -1.36
N AIB A 8 -2.40 2.22 -2.21
CA AIB A 8 -1.47 1.17 -1.82
C AIB A 8 -0.43 1.66 -0.83
O AIB A 8 -0.15 0.91 0.11
CB1 AIB A 8 -0.71 0.74 -3.07
CB2 AIB A 8 -2.32 0.01 -1.36
H AIB A 8 -2.24 2.58 -3.14
HB11 AIB A 8 -1.49 0.58 -3.81
HB12 AIB A 8 -0.05 1.54 -3.40
HB13 AIB A 8 -0.14 -0.17 -2.94
HB21 AIB A 8 -2.69 0.20 -0.34
HB22 AIB A 8 -3.18 -0.05 -2.04
HB23 AIB A 8 -1.78 -0.93 -1.37
N LYS A 9 0.18 2.83 -1.06
CA LYS A 9 1.45 3.15 -0.46
C LYS A 9 1.30 3.48 1.02
N ILE A 10 0.11 3.97 1.40
CA ILE A 10 -0.47 4.21 2.70
C ILE A 10 -0.33 2.87 3.42
N GLU A 11 -1.01 1.87 2.85
CA GLU A 11 -1.26 0.58 3.48
C GLU A 11 -0.22 -0.50 3.24
N CYS A 12 0.85 -0.17 2.51
CA CYS A 12 2.11 -0.87 2.59
C CYS A 12 3.05 -0.47 3.71
N GLU A 13 2.61 0.58 4.41
CA GLU A 13 2.82 0.71 5.84
C GLU A 13 1.58 0.11 6.49
N VAL A 14 1.80 -1.06 7.12
CA VAL A 14 0.89 -2.16 6.98
C VAL A 14 -0.35 -2.02 7.84
N TYR A 15 -1.42 -1.76 7.09
CA TYR A 15 -2.74 -2.30 7.35
C TYR A 15 -2.78 -3.60 6.55
N GLY A 16 -2.37 -3.63 5.29
CA GLY A 16 -2.49 -4.76 4.40
C GLY A 16 -3.26 -4.35 3.15
N LYS A 17 -2.59 -3.94 2.07
CA LYS A 17 -3.31 -3.74 0.83
C LYS A 17 -2.45 -3.80 -0.42
N CYS A 18 -1.13 -3.58 -0.35
CA CYS A 18 -0.27 -3.71 -1.50
C CYS A 18 0.14 -5.15 -1.78
N PRO A 19 0.74 -5.41 -2.95
CA PRO A 19 1.69 -6.48 -3.16
C PRO A 19 2.76 -6.48 -2.06
N PRO A 20 2.93 -7.51 -1.24
CA PRO A 20 3.10 -7.11 0.14
C PRO A 20 4.49 -6.66 0.57
N LYS A 21 4.42 -5.58 1.35
CA LYS A 21 5.56 -5.05 2.05
C LYS A 21 5.52 -5.66 3.45
N LYN A 22 6.63 -5.86 4.16
CA LYN A 22 6.64 -6.19 5.57
CB LYN A 22 8.04 -6.71 5.87
CG LYN A 22 8.37 -6.79 7.35
CD LYN A 22 9.56 -7.67 7.73
CE LYN A 22 9.78 -7.61 9.25
NZ LYN A 22 8.66 -8.09 10.10
C LYN A 22 6.21 -5.01 6.43
O LYN A 22 6.56 -3.87 6.13
NT LYN A 22 5.35 -5.26 7.43
H LYN A 22 7.48 -5.77 3.62
HA LYN A 22 5.91 -6.99 5.78
HB2 LYN A 22 8.71 -5.92 5.50
HB3 LYN A 22 8.30 -7.66 5.40
HG2 LYN A 22 7.53 -7.21 7.90
HG3 LYN A 22 8.54 -5.77 7.69
HD2 LYN A 22 10.40 -7.33 7.14
HD3 LYN A 22 9.37 -8.72 7.54
HE2 LYN A 22 9.90 -6.57 9.54
HE3 LYN A 22 10.70 -8.14 9.40
HZ1 LYN A 22 8.93 -7.99 11.06
HZ2 LYN A 22 7.84 -7.53 9.90
HZ3 LYN A 22 8.47 -9.05 9.89
HNT1 LYN A 22 5.13 -6.22 7.56
HNT2 LYN A 22 4.88 -4.53 7.97
N1 BVK A 1 5.00 5.80 -9.54
C2 BVK A 1 2.13 7.23 -12.54
C3 BVK A 1 3.39 6.89 -12.04
C4 BVK A 1 3.53 5.63 -11.44
C5 BVK A 1 2.49 4.70 -11.46
C6 BVK A 1 1.20 5.11 -11.82
CA BVK A 1 -0.33 6.81 -12.86
C BVK A 1 -1.21 7.86 -12.21
O BVK A 1 -1.80 8.72 -12.88
C1 BVK A 1 1.02 6.41 -12.30
C7 BVK A 1 4.85 5.17 -10.86
H1 BVK A 1 5.42 6.70 -9.72
H2 BVK A 1 4.16 5.93 -8.98
H4 BVK A 1 1.99 8.23 -12.90
H5 BVK A 1 4.11 7.69 -11.99
H6 BVK A 1 2.62 3.75 -10.95
H7 BVK A 1 0.43 4.36 -11.90
H8 BVK A 1 -0.26 6.98 -13.93
H9 BVK A 1 -0.96 5.94 -12.68
H11 BVK A 1 5.64 5.45 -11.56
H12 BVK A 1 4.89 4.11 -10.67
H3 BVK A 1 5.66 5.21 -9.05
N SER A 2 -1.49 7.82 -10.91
CA SER A 2 -1.58 6.65 -10.05
C SER A 2 -3.03 6.18 -9.93
N LEU A 3 -3.29 4.88 -10.13
CA LEU A 3 -4.61 4.29 -10.02
C LEU A 3 -4.83 3.71 -8.64
N GLU A 4 -4.00 2.73 -8.27
CA GLU A 4 -3.78 2.04 -7.02
C GLU A 4 -2.69 2.65 -6.17
N GLN A 5 -1.66 3.29 -6.70
CA GLN A 5 -0.30 3.23 -6.18
C GLN A 5 -0.11 4.10 -4.95
N GLU A 6 -0.68 5.30 -4.86
CA GLU A 6 -0.46 6.22 -3.77
C GLU A 6 -1.32 5.89 -2.57
N TRP A 7 -2.27 4.95 -2.74
CA TRP A 7 -3.14 4.39 -1.74
C TRP A 7 -2.67 3.01 -1.31
N AIB A 8 -2.03 2.24 -2.19
CA AIB A 8 -1.21 1.10 -1.84
C AIB A 8 -0.07 1.44 -0.89
O AIB A 8 0.15 0.83 0.16
CB1 AIB A 8 -0.74 0.62 -3.20
CB2 AIB A 8 -2.09 -0.05 -1.35
H AIB A 8 -2.06 2.46 -3.19
HB11 AIB A 8 -0.22 1.40 -3.76
HB12 AIB A 8 -0.04 -0.21 -3.00
HB13 AIB A 8 -1.58 0.25 -3.79
HB21 AIB A 8 -2.58 0.24 -0.42
HB22 AIB A 8 -2.85 -0.30 -2.08
HB23 AIB A 8 -1.45 -0.92 -1.18
N LYS A 9 0.55 2.59 -1.16
CA LYS A 9 1.65 3.18 -0.45
C LYS A 9 1.26 3.46 1.00
N ILE A 10 0.01 3.80 1.28
CA ILE A 10 -0.60 4.16 2.54
C ILE A 10 -0.80 2.92 3.38
N GLU A 11 -1.15 1.78 2.78
CA GLU A 11 -1.35 0.58 3.58
C GLU A 11 -0.17 -0.39 3.58
N CYS A 12 0.74 -0.27 2.60
CA CYS A 12 2.03 -0.90 2.68
C CYS A 12 2.88 -0.23 3.76
N GLU A 13 2.59 1.01 4.16
CA GLU A 13 2.93 1.49 5.49
C GLU A 13 1.98 0.74 6.40
N VAL A 14 2.53 -0.14 7.25
CA VAL A 14 1.88 -1.33 7.74
C VAL A 14 0.43 -1.25 8.17
N TYR A 15 -0.45 -1.75 7.29
CA TYR A 15 -1.86 -2.02 7.40
C TYR A 15 -2.26 -3.43 7.03
N GLY A 16 -1.31 -4.38 6.89
CA GLY A 16 -1.49 -5.72 6.38
C GLY A 16 -1.86 -5.63 4.90
N LYS A 17 -0.94 -5.11 4.09
CA LYS A 17 -1.15 -5.00 2.66
C LYS A 17 0.05 -5.46 1.83
N CYS A 18 1.20 -4.81 1.96
CA CYS A 18 2.50 -5.33 1.57
C CYS A 18 3.05 -6.30 2.63
N PRO A 19 4.04 -7.12 2.26
CA PRO A 19 4.70 -8.00 3.19
C PRO A 19 5.37 -7.14 4.25
N PRO A 20 5.24 -7.43 5.55
CA PRO A 20 5.30 -6.51 6.67
C PRO A 20 6.63 -5.75 6.65
N LYS A 21 6.52 -4.47 6.32
CA LYS A 21 7.64 -3.55 6.38
C LYS A 21 8.35 -3.50 7.72
N LYN A 22 9.68 -3.55 7.77
CA LYN A 22 10.41 -3.58 9.01
CB LYN A 22 11.88 -3.84 8.70
CG LYN A 22 12.26 -5.30 8.40
CD LYN A 22 13.68 -5.44 7.86
CE LYN A 22 14.02 -6.92 7.70
NZ LYN A 22 15.44 -7.01 7.33
C LYN A 22 10.22 -2.29 9.80
O LYN A 22 10.10 -1.17 9.28
NT LYN A 22 10.29 -2.31 11.13
H LYN A 22 10.17 -3.75 6.91
HA LYN A 22 9.98 -4.37 9.61
HB2 LYN A 22 12.58 -3.51 9.47
HB3 LYN A 22 12.13 -3.35 7.76
HG2 LYN A 22 11.56 -5.65 7.65
HG3 LYN A 22 12.18 -5.92 9.29
HD2 LYN A 22 14.28 -5.02 8.67
HD3 LYN A 22 13.82 -4.87 6.95
HE2 LYN A 22 13.36 -7.34 6.94
HE3 LYN A 22 13.94 -7.51 8.62
HZ1 LYN A 22 15.76 -7.97 7.28
HZ2 LYN A 22 15.45 -6.60 6.40
HZ3 LYN A 22 16.06 -6.49 7.92
HNT1 LYN A 22 10.25 -3.18 11.62
HNT2 LYN A 22 10.47 -1.45 11.64
N1 BVK A 1 0.06 2.56 -14.77
C2 BVK A 1 -0.79 6.19 -12.37
C3 BVK A 1 -1.01 4.97 -13.01
C4 BVK A 1 -0.05 3.96 -12.80
C5 BVK A 1 1.11 4.31 -12.11
C6 BVK A 1 1.32 5.52 -11.41
CA BVK A 1 0.53 7.81 -10.89
C BVK A 1 -0.64 8.74 -10.60
O BVK A 1 -0.79 9.83 -11.14
C1 BVK A 1 0.30 6.47 -11.55
C7 BVK A 1 -0.32 2.58 -13.35
H1 BVK A 1 -0.59 3.15 -15.26
H2 BVK A 1 0.97 3.01 -14.76
H4 BVK A 1 -1.59 6.91 -12.51
H5 BVK A 1 -1.95 4.74 -13.49
H6 BVK A 1 1.77 3.48 -11.89
H7 BVK A 1 2.20 5.63 -10.81
H8 BVK A 1 0.86 7.41 -9.92
H9 BVK A 1 1.37 8.30 -11.38
H11 BVK A 1 -1.39 2.39 -13.23
H12 BVK A 1 0.25 1.85 -12.76
H3 BVK A 1 0.13 1.67 -15.24
N SER A 2 -1.60 8.31 -9.78
CA SER A 2 -1.77 7.14 -8.93
C SER A 2 -3.20 6.62 -8.91
N LEU A 3 -3.46 5.38 -9.30
CA LEU A 3 -4.75 4.72 -9.29
C LEU A 3 -4.98 3.89 -8.04
N GLU A 4 -4.10 2.88 -7.93
CA GLU A 4 -3.75 2.11 -6.76
C GLU A 4 -2.64 2.79 -5.96
N GLN A 5 -1.77 3.49 -6.69
CA GLN A 5 -0.34 3.53 -6.41
C GLN A 5 0.02 4.46 -5.27
N GLU A 6 -0.88 5.36 -4.89
CA GLU A 6 -0.68 6.17 -3.71
C GLU A 6 -1.27 5.47 -2.50
N TRP A 7 -2.37 4.73 -2.68
CA TRP A 7 -3.09 4.11 -1.59
C TRP A 7 -2.57 2.76 -1.13
N AIB A 8 -2.01 2.00 -2.07
CA AIB A 8 -1.08 0.91 -1.93
C AIB A 8 0.10 1.24 -1.03
O AIB A 8 0.67 0.41 -0.33
CB1 AIB A 8 -0.71 0.61 -3.37
CB2 AIB A 8 -1.91 -0.30 -1.48
H AIB A 8 -2.14 2.24 -3.04
HB11 AIB A 8 -0.24 1.53 -3.76
HB12 AIB A 8 0.01 -0.21 -3.41
HB13 AIB A 8 -1.58 0.36 -3.99
HB21 AIB A 8 -1.20 -1.12 -1.38
HB22 AIB A 8 -2.41 -0.15 -0.53
HB23 AIB A 8 -2.64 -0.55 -2.26
N LYS A 9 0.57 2.49 -1.16
CA LYS A 9 1.71 3.04 -0.49
C LYS A 9 1.47 3.66 0.89
N ILE A 10 0.17 3.95 1.05
CA ILE A 10 -0.32 4.24 2.40
C ILE A 10 -0.32 2.91 3.12
N GLU A 11 -1.07 1.95 2.57
CA GLU A 11 -1.54 0.74 3.21
C GLU A 11 -0.52 -0.40 3.22
N CYS A 12 0.71 -0.10 2.78
CA CYS A 12 1.91 -0.85 3.07
C CYS A 12 2.42 -0.56 4.47
N GLU A 13 2.19 0.65 4.99
CA GLU A 13 1.99 0.81 6.42
C GLU A 13 0.65 0.17 6.74
N VAL A 14 0.68 -0.97 7.42
CA VAL A 14 -0.16 -2.09 7.02
C VAL A 14 -1.67 -2.07 7.25
N TYR A 15 -2.38 -2.46 6.19
CA TYR A 15 -3.78 -2.85 6.18
C TYR A 15 -4.06 -4.08 5.33
N GLY A 16 -3.00 -4.74 4.85
CA GLY A 16 -2.96 -6.02 4.17
C GLY A 16 -3.13 -5.86 2.66
N LYS A 17 -2.42 -4.95 1.99
CA LYS A 17 -2.73 -4.35 0.70
C LYS A 17 -1.53 -4.44 -0.23
N CYS A 18 -0.33 -4.02 0.18
CA CYS A 18 0.83 -4.14 -0.68
C CYS A 18 1.34 -5.58 -0.73
N PRO A 19 2.02 -6.04 -1.77
CA PRO A 19 2.62 -7.36 -1.76
C PRO A 19 3.74 -7.46 -0.73
N PRO A 20 3.69 -8.56 0.02
CA PRO A 20 3.50 -8.46 1.46
C PRO A 20 4.71 -7.83 2.14
N LYS A 21 4.57 -6.73 2.89
CA LYS A 21 5.53 -6.20 3.82
C LYS A 21 5.42 -6.97 5.13
N LYN A 22 6.53 -7.08 5.87
CA LYN A 22 6.79 -7.87 7.06
CB LYN A 22 8.28 -7.85 7.37
CG LYN A 22 9.16 -8.47 6.28
CD LYN A 22 10.60 -8.45 6.80
CE LYN A 22 11.48 -8.34 5.55
NZ LYN A 22 12.84 -8.66 6.02
C LYN A 22 5.97 -7.51 8.29
O LYN A 22 5.40 -6.43 8.33
NT LYN A 22 5.88 -8.44 9.23
H LYN A 22 7.33 -6.52 5.59
HA LYN A 22 6.50 -8.87 6.76
HB2 LYN A 22 8.50 -8.49 8.22
HB3 LYN A 22 8.56 -6.82 7.60
HG2 LYN A 22 9.11 -7.75 5.47
HG3 LYN A 22 8.76 -9.43 5.96
HD2 LYN A 22 10.88 -9.37 7.31
HD3 LYN A 22 10.76 -7.59 7.44
HE2 LYN A 22 11.35 -7.39 5.03
HE3 LYN A 22 11.18 -9.16 4.90
HZ1 LYN A 22 13.07 -7.95 6.70
HZ2 LYN A 22 12.87 -9.57 6.46
HZ3 LYN A 22 13.49 -8.62 5.27
HNT1 LYN A 22 6.49 -9.24 9.16
HNT2 LYN A 22 5.40 -8.26 10.11
N1 BVK A 1 1.07 -0.80 -13.28
C2 BVK A 1 -0.80 3.43 -13.72
C3 BVK A 1 -0.93 2.04 -13.52
C4 BVK A 1 0.09 1.36 -12.82
C5 BVK A 1 1.24 2.03 -12.41
C6 BVK A 1 1.28 3.43 -12.54
CA BVK A 1 0.37 5.64 -13.22
C BVK A 1 -0.88 6.52 -13.33
O BVK A 1 -1.14 7.14 -14.35
C1 BVK A 1 0.31 4.13 -13.26
C7 BVK A 1 -0.06 -0.14 -12.63
H1 BVK A 1 1.06 -1.74 -12.90
H2 BVK A 1 0.98 -0.85 -14.29
H4 BVK A 1 -1.56 3.91 -14.32
H5 BVK A 1 -1.83 1.50 -13.71
H6 BVK A 1 2.02 1.56 -11.84
H7 BVK A 1 2.16 3.89 -12.10
H8 BVK A 1 0.91 5.94 -12.33
H9 BVK A 1 0.94 5.92 -14.10
H11 BVK A 1 -0.94 -0.56 -13.13
H12 BVK A 1 -0.08 -0.39 -11.58
H3 BVK A 1 1.93 -0.35 -13.04
N SER A 2 -1.80 6.53 -12.37
CA SER A 2 -1.82 5.95 -11.04
C SER A 2 -3.20 5.54 -10.54
N LEU A 3 -3.45 4.23 -10.41
CA LEU A 3 -4.72 3.69 -10.00
C LEU A 3 -4.86 3.36 -8.51
N GLU A 4 -4.01 2.44 -8.07
CA GLU A 4 -3.73 1.84 -6.78
C GLU A 4 -2.66 2.59 -6.00
N GLN A 5 -1.67 3.07 -6.76
CA GLN A 5 -0.31 3.21 -6.27
C GLN A 5 -0.07 4.01 -5.00
N GLU A 6 -0.52 5.27 -4.92
CA GLU A 6 -0.25 6.18 -3.83
C GLU A 6 -1.09 5.95 -2.56
N TRP A 7 -2.10 5.10 -2.77
CA TRP A 7 -3.11 4.71 -1.81
C TRP A 7 -2.81 3.30 -1.31
N AIB A 8 -2.23 2.39 -2.12
CA AIB A 8 -1.48 1.24 -1.69
C AIB A 8 -0.28 1.52 -0.79
O AIB A 8 -0.03 0.87 0.21
CB1 AIB A 8 -0.99 0.70 -3.03
CB2 AIB A 8 -2.41 0.15 -1.19
H AIB A 8 -2.31 2.53 -3.12
HB11 AIB A 8 -0.56 1.48 -3.65
HB12 AIB A 8 -0.27 -0.11 -2.90
HB13 AIB A 8 -1.89 0.31 -3.50
HB21 AIB A 8 -1.94 -0.83 -1.07
HB22 AIB A 8 -2.68 0.54 -0.22
HB23 AIB A 8 -3.32 0.03 -1.80
N LYS A 9 0.44 2.63 -1.05
CA LYS A 9 1.58 3.18 -0.34
C LYS A 9 1.19 3.55 1.09
N ILE A 10 -0.08 3.86 1.29
CA ILE A 10 -0.72 4.03 2.58
C ILE A 10 -0.84 2.73 3.36
N GLU A 11 -1.24 1.65 2.67
CA GLU A 11 -1.37 0.35 3.29
C GLU A 11 -0.04 -0.35 3.49
N CYS A 12 0.96 -0.03 2.66
CA CYS A 12 2.22 -0.74 2.62
C CYS A 12 3.20 -0.27 3.69
N GLU A 13 3.15 0.93 4.27
CA GLU A 13 3.77 1.07 5.57
C GLU A 13 2.76 0.57 6.59
N VAL A 14 3.25 -0.48 7.25
CA VAL A 14 2.46 -1.62 7.68
C VAL A 14 1.10 -1.32 8.26
N TYR A 15 0.06 -1.45 7.43
CA TYR A 15 -1.27 -1.78 7.91
C TYR A 15 -1.62 -3.24 7.65
N GLY A 16 -0.68 -3.97 7.06
CA GLY A 16 -0.83 -5.38 6.71
C GLY A 16 -1.59 -5.68 5.43
N LYS A 17 -1.64 -4.75 4.48
CA LYS A 17 -2.53 -4.67 3.35
C LYS A 17 -1.84 -4.14 2.10
N CYS A 18 -0.50 -4.16 2.12
CA CYS A 18 0.33 -4.09 0.93
C CYS A 18 -0.13 -4.98 -0.23
N PRO A 19 -0.53 -4.50 -1.40
CA PRO A 19 -1.14 -5.34 -2.40
C PRO A 19 -0.07 -6.10 -3.17
N PRO A 20 -0.24 -7.41 -3.26
CA PRO A 20 -1.30 -8.26 -2.76
C PRO A 20 -1.07 -8.82 -1.37
N LYS A 21 -1.83 -8.41 -0.35
CA LYS A 21 -1.90 -9.12 0.91
C LYS A 21 -3.31 -9.25 1.42
N LYN A 22 -3.75 -10.43 1.87
CA LYN A 22 -5.11 -10.75 2.26
CB LYN A 22 -5.57 -11.81 1.26
CG LYN A 22 -7.04 -12.18 1.43
CD LYN A 22 -7.54 -13.42 0.69
CE LYN A 22 -7.52 -13.31 -0.82
NZ LYN A 22 -7.87 -14.58 -1.47
C LYN A 22 -5.04 -11.41 3.63
O LYN A 22 -4.03 -12.06 3.88
NT LYN A 22 -5.94 -11.08 4.55
H LYN A 22 -3.10 -11.17 2.03
HA LYN A 22 -5.82 -9.92 2.29
HB2 LYN A 22 -4.93 -12.69 1.29
HB3 LYN A 22 -5.52 -11.36 0.27
HG2 LYN A 22 -7.66 -11.32 1.14
HG3 LYN A 22 -7.21 -12.39 2.49
HD2 LYN A 22 -8.57 -13.51 1.06
HD3 LYN A 22 -6.96 -14.26 1.05
HE2 LYN A 22 -6.50 -13.03 -1.10
HE3 LYN A 22 -8.21 -12.56 -1.19
HZ1 LYN A 22 -7.95 -14.40 -2.47
HZ2 LYN A 22 -7.15 -15.28 -1.32
HZ3 LYN A 22 -8.75 -14.91 -1.12
HNT1 LYN A 22 -6.71 -10.45 4.36
HNT2 LYN A 22 -5.88 -11.53 5.46
N1 BVK A 1 4.21 -0.98 -9.21
C2 BVK A 1 3.50 3.07 -11.39
C3 BVK A 1 4.28 2.02 -10.86
C4 BVK A 1 3.81 0.70 -10.91
C5 BVK A 1 2.58 0.45 -11.53
C6 BVK A 1 1.83 1.47 -12.13
CA BVK A 1 1.57 3.86 -12.79
C BVK A 1 1.96 5.32 -12.54
O BVK A 1 2.62 5.97 -13.34
C1 BVK A 1 2.32 2.79 -12.06
C7 BVK A 1 4.65 -0.50 -10.52
H1 BVK A 1 4.75 -1.80 -8.99
H2 BVK A 1 4.30 -0.31 -8.45
H4 BVK A 1 3.93 4.04 -11.28
H5 BVK A 1 5.26 2.25 -10.47
H6 BVK A 1 2.23 -0.56 -11.60
H7 BVK A 1 0.88 1.26 -12.60
H8 BVK A 1 1.74 3.71 -13.86
H9 BVK A 1 0.50 3.73 -12.58
H11 BVK A 1 5.71 -0.21 -10.48
H12 BVK A 1 4.50 -1.24 -11.30
H3 BVK A 1 3.23 -1.24 -9.30
N SER A 2 1.58 5.91 -11.41
CA SER A 2 0.96 5.28 -10.26
C SER A 2 -0.55 5.49 -10.30
N LEU A 3 -1.32 4.42 -10.40
CA LEU A 3 -2.76 4.61 -10.57
C LEU A 3 -3.51 4.50 -9.24
N GLU A 4 -3.37 3.30 -8.66
CA GLU A 4 -3.89 3.02 -7.35
C GLU A 4 -2.71 3.04 -6.38
N GLN A 5 -1.47 3.06 -6.84
CA GLN A 5 -0.26 2.66 -6.16
C GLN A 5 0.06 3.63 -5.02
N GLU A 6 -0.59 4.79 -5.11
CA GLU A 6 -0.41 5.75 -4.04
C GLU A 6 -1.46 5.68 -2.95
N TRP A 7 -2.47 4.82 -3.06
CA TRP A 7 -3.31 4.37 -1.97
C TRP A 7 -2.73 3.15 -1.28
N AIB A 8 -2.30 2.21 -2.11
CA AIB A 8 -1.42 1.12 -1.76
C AIB A 8 -0.20 1.62 -0.99
O AIB A 8 0.27 0.86 -0.14
CB1 AIB A 8 -0.95 0.43 -3.04
CB2 AIB A 8 -2.25 0.08 -1.03
H AIB A 8 -2.64 2.22 -3.07
HB11 AIB A 8 -0.38 -0.46 -2.81
HB12 AIB A 8 -1.80 0.18 -3.66
HB13 AIB A 8 -0.31 1.14 -3.58
HB21 AIB A 8 -2.48 0.56 -0.08
HB22 AIB A 8 -3.18 -0.25 -1.50
HB23 AIB A 8 -1.61 -0.78 -0.85
N LYS A 9 0.22 2.88 -1.16
CA LYS A 9 1.30 3.44 -0.38
C LYS A 9 1.09 3.54 1.12
N ILE A 10 -0.15 3.82 1.51
CA ILE A 10 -0.50 3.92 2.92
C ILE A 10 -0.50 2.56 3.62
N GLU A 11 -1.05 1.60 2.87
CA GLU A 11 -1.21 0.24 3.35
C GLU A 11 0.08 -0.55 3.38
N CYS A 12 1.20 -0.02 2.88
CA CYS A 12 2.51 -0.53 3.19
C CYS A 12 2.80 -0.62 4.69
N GLU A 13 2.41 0.37 5.49
CA GLU A 13 2.23 0.27 6.91
C GLU A 13 1.05 -0.67 7.14
N VAL A 14 1.27 -1.84 7.74
CA VAL A 14 0.61 -3.12 7.56
C VAL A 14 -0.90 -3.10 7.72
N TYR A 15 -1.51 -3.33 6.55
CA TYR A 15 -2.75 -4.04 6.37
C TYR A 15 -2.55 -5.35 5.58
N GLY A 16 -1.40 -5.57 4.95
CA GLY A 16 -1.18 -6.70 4.08
C GLY A 16 -0.64 -6.37 2.69
N LYS A 17 -0.12 -5.18 2.39
CA LYS A 17 0.08 -4.68 1.04
C LYS A 17 1.53 -4.67 0.54
N CYS A 18 2.38 -3.99 1.31
CA CYS A 18 3.82 -4.22 1.20
C CYS A 18 4.36 -5.23 2.21
N PRO A 19 5.59 -5.71 2.10
CA PRO A 19 6.28 -6.36 3.19
C PRO A 19 6.17 -5.57 4.49
N PRO A 20 5.73 -6.05 5.66
CA PRO A 20 4.96 -5.22 6.56
C PRO A 20 5.82 -4.15 7.20
N LYS A 21 5.51 -2.92 6.80
CA LYS A 21 6.08 -1.79 7.52
C LYS A 21 5.24 -1.54 8.77
N LYN A 22 5.85 -1.02 9.83
CA LYN A 22 5.14 -0.80 11.08
CB LYN A 22 6.13 -0.83 12.23
CG LYN A 22 5.54 -0.59 13.60
CD LYN A 22 6.44 -0.59 14.84
CE LYN A 22 5.62 -0.05 16.00
NZ LYN A 22 6.32 -0.09 17.30
C LYN A 22 4.23 0.42 10.98
O LYN A 22 4.65 1.47 10.49
NT LYN A 22 3.09 0.40 11.67
H LYN A 22 6.86 -0.97 9.97
HA LYN A 22 4.40 -1.60 11.18
HB2 LYN A 22 6.83 -0.03 12.02
HB3 LYN A 22 6.66 -1.78 12.27
HG2 LYN A 22 4.85 -1.42 13.79
HG3 LYN A 22 4.98 0.34 13.59
HD2 LYN A 22 7.33 0.02 14.63
HD3 LYN A 22 6.76 -1.60 15.05
HE2 LYN A 22 4.64 -0.51 16.18
HE3 LYN A 22 5.47 1.00 15.74
HZ1 LYN A 22 6.55 -1.05 17.43
HZ2 LYN A 22 7.15 0.47 17.38
HZ3 LYN A 22 5.65 0.21 18.00
HNT1 LYN A 22 2.82 -0.47 12.11
HNT2 LYN A 22 2.44 1.17 11.63
N1 BVK A 1 -0.04 12.02 -13.88
C2 BVK A 1 0.89 8.04 -12.49
C3 BVK A 1 1.13 9.13 -13.34
C4 BVK A 1 1.35 10.39 -12.76
C5 BVK A 1 1.32 10.57 -11.37
C6 BVK A 1 1.10 9.47 -10.54
CA BVK A 1 0.60 7.06 -10.16
C BVK A 1 0.00 5.76 -10.63
O BVK A 1 0.68 4.82 -11.07
C1 BVK A 1 0.84 8.22 -11.09
C7 BVK A 1 1.34 11.57 -13.70
H1 BVK A 1 -0.56 11.27 -14.29
H2 BVK A 1 -0.47 12.28 -13.00
H4 BVK A 1 0.62 7.14 -13.01
H5 BVK A 1 1.08 8.93 -14.39
H6 BVK A 1 1.29 11.55 -10.92
H7 BVK A 1 1.04 9.59 -9.45
H8 BVK A 1 1.58 6.70 -9.80
H9 BVK A 1 0.03 7.44 -9.31
H11 BVK A 1 1.83 11.36 -14.65
H12 BVK A 1 1.94 12.32 -13.16
H3 BVK A 1 -0.04 12.83 -14.49
N SER A 2 -1.33 5.65 -10.70
CA SER A 2 -2.43 6.58 -10.49
C SER A 2 -3.72 5.97 -9.94
N LEU A 3 -3.80 4.64 -9.97
CA LEU A 3 -4.98 3.88 -9.65
C LEU A 3 -5.00 3.46 -8.20
N GLU A 4 -4.02 2.58 -7.91
CA GLU A 4 -3.64 1.96 -6.66
C GLU A 4 -2.54 2.70 -5.92
N GLN A 5 -1.81 3.51 -6.68
CA GLN A 5 -0.37 3.63 -6.49
C GLN A 5 -0.02 4.51 -5.30
N GLU A 6 -0.81 5.52 -4.96
CA GLU A 6 -0.64 6.30 -3.73
C GLU A 6 -1.27 5.68 -2.50
N TRP A 7 -2.18 4.72 -2.63
CA TRP A 7 -3.09 4.15 -1.67
C TRP A 7 -2.55 2.84 -1.14
N AIB A 8 -2.06 1.97 -2.03
CA AIB A 8 -1.14 0.88 -1.82
C AIB A 8 0.12 1.31 -1.07
O AIB A 8 0.74 0.51 -0.38
CB1 AIB A 8 -0.82 0.36 -3.21
CB2 AIB A 8 -1.82 -0.30 -1.13
H AIB A 8 -2.14 2.32 -2.97
HB11 AIB A 8 -0.20 -0.54 -3.15
HB12 AIB A 8 -1.76 0.12 -3.72
HB13 AIB A 8 -0.29 1.12 -3.77
HB21 AIB A 8 -1.18 -1.18 -0.98
HB22 AIB A 8 -2.15 0.07 -0.16
HB23 AIB A 8 -2.69 -0.58 -1.73
N LYS A 9 0.60 2.53 -1.29
CA LYS A 9 1.72 3.06 -0.55
C LYS A 9 1.40 3.50 0.87
N ILE A 10 0.16 3.94 1.09
CA ILE A 10 -0.38 4.24 2.40
C ILE A 10 -0.41 2.96 3.21
N GLU A 11 -1.10 1.96 2.65
CA GLU A 11 -1.48 0.74 3.32
C GLU A 11 -0.59 -0.50 3.32
N CYS A 12 0.55 -0.41 2.65
CA CYS A 12 1.85 -0.97 2.99
C CYS A 12 2.41 -0.60 4.36
N GLU A 13 1.95 0.49 4.98
CA GLU A 13 1.85 0.50 6.42
C GLU A 13 0.55 -0.19 6.79
N VAL A 14 0.67 -1.34 7.46
CA VAL A 14 0.16 -2.57 6.90
C VAL A 14 -1.33 -2.83 7.02
N TYR A 15 -1.96 -3.28 5.93
CA TYR A 15 -3.31 -3.77 6.01
C TYR A 15 -3.48 -4.99 5.12
N GLY A 16 -2.38 -5.63 4.71
CA GLY A 16 -2.36 -6.70 3.73
C GLY A 16 -2.35 -6.30 2.26
N LYS A 17 -1.88 -5.09 1.91
CA LYS A 17 -2.22 -4.44 0.66
C LYS A 17 -1.15 -4.43 -0.41
N CYS A 18 0.05 -4.02 0.00
CA CYS A 18 1.18 -3.92 -0.91
C CYS A 18 1.74 -5.31 -1.22
N PRO A 19 2.72 -5.46 -2.12
CA PRO A 19 3.45 -6.71 -2.22
C PRO A 19 4.06 -7.09 -0.89
N PRO A 20 4.33 -8.38 -0.61
CA PRO A 20 3.69 -8.85 0.59
C PRO A 20 4.52 -8.64 1.86
N LYS A 21 3.80 -8.01 2.79
CA LYS A 21 4.11 -7.90 4.20
C LYS A 21 3.18 -8.80 5.01
N LYN A 22 3.77 -9.43 6.02
CA LYN A 22 3.29 -10.59 6.73
CB LYN A 22 4.44 -11.56 7.04
CG LYN A 22 4.10 -12.97 7.48
CD LYN A 22 5.30 -13.79 7.97
CE LYN A 22 4.82 -15.16 8.44
NZ LYN A 22 5.93 -15.94 9.01
C LYN A 22 2.48 -10.24 7.98
O LYN A 22 2.95 -9.42 8.75
NT LYN A 22 1.46 -11.03 8.30
H LYN A 22 4.60 -8.94 6.35
HA LYN A 22 2.64 -11.09 6.02
HB2 LYN A 22 5.06 -11.16 7.83
HB3 LYN A 22 5.02 -11.61 6.11
HG2 LYN A 22 3.66 -13.51 6.65
HG3 LYN A 22 3.39 -12.93 8.31
HD2 LYN A 22 5.81 -13.24 8.77
HD3 LYN A 22 5.96 -13.87 7.12
HE2 LYN A 22 4.39 -15.70 7.59
HE3 LYN A 22 4.06 -14.98 9.18
HZ1 LYN A 22 5.57 -16.65 9.64
HZ2 LYN A 22 6.51 -16.39 8.30
HZ3 LYN A 22 6.48 -15.28 9.53
HNT1 LYN A 22 1.24 -11.81 7.70
HNT2 LYN A 22 0.90 -10.87 9.14
N1 BVK A 1 0.65 1.57 -15.37
C2 BVK A 1 -0.21 5.41 -13.37
C3 BVK A 1 -0.40 4.18 -14.00
C4 BVK A 1 0.18 3.01 -13.48
C5 BVK A 1 1.01 3.08 -12.36
C6 BVK A 1 1.20 4.31 -11.73
CA BVK A 1 1.13 6.81 -11.75
C BVK A 1 0.20 7.97 -11.39
O BVK A 1 0.29 8.99 -12.07
C1 BVK A 1 0.63 5.48 -12.24
C7 BVK A 1 -0.09 1.66 -14.11
H1 BVK A 1 0.08 2.09 -16.02
H2 BVK A 1 1.59 1.96 -15.34
H4 BVK A 1 -0.82 6.23 -13.70
H5 BVK A 1 -1.07 4.06 -14.84
H6 BVK A 1 1.42 2.22 -11.86
H7 BVK A 1 1.88 4.33 -10.90
H8 BVK A 1 1.62 6.53 -10.81
H9 BVK A 1 1.87 7.18 -12.45
H11 BVK A 1 -1.15 1.61 -14.36
H12 BVK A 1 0.15 0.85 -13.41
H3 BVK A 1 0.70 0.61 -15.67
N SER A 2 -0.73 7.92 -10.42
CA SER A 2 -1.08 6.79 -9.59
C SER A 2 -2.57 6.50 -9.46
N LEU A 3 -2.96 5.30 -9.91
CA LEU A 3 -4.36 4.92 -9.93
C LEU A 3 -4.60 4.13 -8.65
N GLU A 4 -3.84 3.07 -8.38
CA GLU A 4 -3.84 2.40 -7.09
C GLU A 4 -2.75 2.90 -6.16
N GLN A 5 -1.58 3.25 -6.70
CA GLN A 5 -0.25 3.11 -6.15
C GLN A 5 0.02 3.96 -4.92
N GLU A 6 -0.37 5.24 -5.00
CA GLU A 6 -0.29 6.14 -3.85
C GLU A 6 -1.31 5.91 -2.73
N TRP A 7 -2.20 4.96 -2.91
CA TRP A 7 -3.13 4.45 -1.93
C TRP A 7 -2.86 3.03 -1.44
N AIB A 8 -2.39 2.09 -2.28
CA AIB A 8 -1.56 0.99 -1.82
C AIB A 8 -0.47 1.44 -0.86
O AIB A 8 -0.33 0.81 0.19
CB1 AIB A 8 -0.96 0.41 -3.10
CB2 AIB A 8 -2.48 -0.10 -1.28
H AIB A 8 -2.32 2.41 -3.23
HB11 AIB A 8 -1.76 0.24 -3.81
HB12 AIB A 8 -0.20 1.04 -3.56
HB13 AIB A 8 -0.52 -0.53 -2.81
HB21 AIB A 8 -2.00 -1.07 -1.35
HB22 AIB A 8 -2.68 0.14 -0.23
HB23 AIB A 8 -3.42 -0.12 -1.83
N LYS A 9 0.24 2.53 -1.19
CA LYS A 9 1.30 3.21 -0.49
C LYS A 9 0.99 3.69 0.92
N ILE A 10 -0.29 3.83 1.25
CA ILE A 10 -0.80 4.14 2.57
C ILE A 10 -0.58 2.87 3.39
N GLU A 11 -0.90 1.74 2.76
CA GLU A 11 -1.06 0.43 3.38
C GLU A 11 0.13 -0.52 3.49
N CYS A 12 1.20 -0.25 2.75
CA CYS A 12 2.44 -0.88 3.18
C CYS A 12 3.10 -0.25 4.39
N GLU A 13 2.50 0.78 4.98
CA GLU A 13 2.58 1.15 6.37
C GLU A 13 1.28 0.59 6.97
N VAL A 14 1.49 -0.42 7.81
CA VAL A 14 0.64 -1.58 8.00
C VAL A 14 -0.85 -1.32 8.08
N TYR A 15 -1.54 -1.69 6.99
CA TYR A 15 -2.86 -2.24 7.20
C TYR A 15 -2.88 -3.56 6.45
N GLY A 16 -1.77 -4.29 6.35
CA GLY A 16 -1.68 -5.71 6.07
C GLY A 16 -1.90 -6.16 4.63
N LYS A 17 -1.34 -5.46 3.64
CA LYS A 17 -1.61 -5.58 2.22
C LYS A 17 -0.45 -5.92 1.28
N CYS A 18 0.72 -5.31 1.45
CA CYS A 18 1.94 -5.63 0.76
C CYS A 18 2.61 -6.87 1.34
N PRO A 19 3.71 -7.34 0.73
CA PRO A 19 4.52 -8.29 1.45
C PRO A 19 5.16 -7.69 2.69
N PRO A 20 4.94 -8.31 3.84
CA PRO A 20 4.69 -7.36 4.91
C PRO A 20 5.93 -6.74 5.55
N LYS A 21 6.17 -5.45 5.32
CA LYS A 21 7.22 -4.64 5.89
C LYS A 21 6.82 -4.27 7.31
N LYN A 22 7.73 -4.55 8.23
CA LYN A 22 7.52 -4.51 9.67
CB LYN A 22 7.24 -5.93 10.20
CG LYN A 22 5.85 -6.36 9.73
CD LYN A 22 5.48 -7.70 10.37
CE LYN A 22 6.18 -8.79 9.58
NZ LYN A 22 5.91 -10.13 10.10
C LYN A 22 8.65 -3.88 10.47
O LYN A 22 9.83 -4.09 10.23
NT LYN A 22 8.25 -3.10 11.48
H LYN A 22 8.51 -5.13 7.96
HA LYN A 22 6.68 -3.88 9.93
HB2 LYN A 22 7.26 -5.90 11.28
HB3 LYN A 22 8.05 -6.56 9.83
HG2 LYN A 22 5.78 -6.39 8.65
HG3 LYN A 22 5.14 -5.64 10.14
HD2 LYN A 22 4.40 -7.81 10.42
HD3 LYN A 22 5.89 -7.76 11.38
HE2 LYN A 22 7.23 -8.50 9.54
HE3 LYN A 22 5.73 -8.66 8.59
HZ1 LYN A 22 4.91 -10.25 9.98
HZ2 LYN A 22 6.40 -10.81 9.53
HZ3 LYN A 22 6.15 -10.28 11.06
HNT1 LYN A 22 7.27 -2.90 11.61
HNT2 LYN A 22 8.94 -2.63 12.05
N1 BVK A 1 0.38 1.11 -14.39
C2 BVK A 1 -1.31 5.28 -13.71
C3 BVK A 1 -1.45 3.90 -13.93
C4 BVK A 1 -0.69 2.96 -13.21
C5 BVK A 1 0.29 3.37 -12.31
C6 BVK A 1 0.30 4.75 -12.03
CA BVK A 1 -0.27 7.16 -12.33
C BVK A 1 -1.44 8.11 -12.07
O BVK A 1 -1.74 8.83 -13.02
C1 BVK A 1 -0.49 5.71 -12.66
C7 BVK A 1 -0.77 1.51 -13.56
H1 BVK A 1 0.57 0.13 -14.34
H2 BVK A 1 0.23 1.38 -15.36
H4 BVK A 1 -1.91 5.99 -14.26
H5 BVK A 1 -2.17 3.57 -14.66
H6 BVK A 1 0.94 2.66 -11.81
H7 BVK A 1 1.07 5.01 -11.32
H8 BVK A 1 0.26 7.14 -11.38
H9 BVK A 1 0.35 7.65 -13.08
H11 BVK A 1 -1.67 1.39 -14.18
H12 BVK A 1 -0.87 0.88 -12.68
H3 BVK A 1 1.16 1.63 -14.02
N SER A 2 -2.30 7.86 -11.08
CA SER A 2 -2.30 6.79 -10.10
C SER A 2 -3.70 6.29 -9.87
N LEU A 3 -3.78 4.95 -9.89
CA LEU A 3 -5.01 4.22 -9.68
C LEU A 3 -5.09 3.58 -8.32
N GLU A 4 -4.19 2.61 -8.13
CA GLU A 4 -3.88 2.07 -6.82
C GLU A 4 -2.67 2.64 -6.08
N GLN A 5 -1.87 3.41 -6.80
CA GLN A 5 -0.47 3.61 -6.47
C GLN A 5 -0.12 4.49 -5.28
N GLU A 6 -0.98 5.46 -4.94
CA GLU A 6 -0.77 6.26 -3.74
C GLU A 6 -1.31 5.54 -2.52
N TRP A 7 -2.30 4.66 -2.64
CA TRP A 7 -2.92 4.01 -1.49
C TRP A 7 -2.42 2.60 -1.26
N AIB A 8 -1.93 1.86 -2.26
CA AIB A 8 -0.85 0.91 -2.10
C AIB A 8 0.27 1.50 -1.25
O AIB A 8 0.82 0.85 -0.37
CB1 AIB A 8 -0.29 0.65 -3.49
CB2 AIB A 8 -1.29 -0.42 -1.48
H AIB A 8 -2.17 2.12 -3.21
HB11 AIB A 8 0.01 1.60 -3.96
HB12 AIB A 8 0.57 -0.01 -3.45
HB13 AIB A 8 -1.08 0.20 -4.10
HB21 AIB A 8 -1.62 -0.31 -0.44
HB22 AIB A 8 -2.14 -0.76 -2.08
HB23 AIB A 8 -0.49 -1.14 -1.53
N LYS A 9 0.68 2.75 -1.48
CA LYS A 9 1.78 3.34 -0.74
C LYS A 9 1.42 3.64 0.72
N ILE A 10 0.14 3.88 1.00
CA ILE A 10 -0.25 4.21 2.36
C ILE A 10 -0.35 2.89 3.10
N GLU A 11 -0.99 1.87 2.51
CA GLU A 11 -1.52 0.73 3.23
C GLU A 11 -0.62 -0.48 3.43
N CYS A 12 0.64 -0.34 3.01
CA CYS A 12 1.70 -1.14 3.57
C CYS A 12 2.19 -0.73 4.95
N GLU A 13 1.74 0.41 5.47
CA GLU A 13 1.39 0.40 6.88
C GLU A 13 -0.05 -0.01 7.07
N VAL A 14 -0.27 -1.19 7.66
CA VAL A 14 -1.02 -2.26 7.05
C VAL A 14 -2.54 -2.20 7.07
N TYR A 15 -3.08 -2.39 5.86
CA TYR A 15 -4.41 -2.89 5.64
C TYR A 15 -4.40 -4.22 4.88
N GLY A 16 -3.23 -4.78 4.57
CA GLY A 16 -3.04 -6.09 3.95
C GLY A 16 -2.89 -5.95 2.45
N LYS A 17 -2.17 -4.96 1.94
CA LYS A 17 -2.28 -4.51 0.57
C LYS A 17 -1.03 -4.62 -0.32
N CYS A 18 0.12 -4.25 0.24
CA CYS A 18 1.40 -4.55 -0.34
C CYS A 18 1.81 -6.02 -0.13
N PRO A 19 2.66 -6.58 -0.99
CA PRO A 19 3.18 -7.91 -0.81
C PRO A 19 3.88 -7.97 0.55
N PRO A 20 3.63 -8.98 1.37
CA PRO A 20 3.41 -8.77 2.79
C PRO A 20 4.63 -8.17 3.47
N LYS A 21 4.51 -6.93 3.94
CA LYS A 21 5.49 -6.36 4.83
C LYS A 21 4.95 -5.81 6.14
N LYN A 22 5.80 -5.91 7.16
CA LYN A 22 5.45 -5.34 8.44
CB LYN A 22 6.38 -5.81 9.57
CG LYN A 22 6.06 -5.28 10.97
CD LYN A 22 6.62 -6.13 12.11
CE LYN A 22 8.14 -6.04 12.20
NZ LYN A 22 8.62 -7.07 13.13
C LYN A 22 5.45 -3.82 8.38
O LYN A 22 6.44 -3.20 7.98
NT LYN A 22 4.35 -3.20 8.79
H LYN A 22 6.69 -6.38 7.06
HA LYN A 22 4.42 -5.62 8.65
HB2 LYN A 22 7.38 -5.46 9.33
HB3 LYN A 22 6.33 -6.90 9.48
HG2 LYN A 22 4.98 -5.24 11.09
HG3 LYN A 22 6.46 -4.27 10.96
HD2 LYN A 22 6.29 -7.14 11.90
HD3 LYN A 22 6.17 -5.78 13.03
HE2 LYN A 22 8.33 -5.05 12.59
HE3 LYN A 22 8.65 -6.16 11.25
HZ1 LYN A 22 7.98 -7.11 13.92
HZ2 LYN A 22 8.60 -7.96 12.64
HZ3 LYN A 22 9.57 -6.89 13.47
HNT1 LYN A 22 3.59 -3.75 9.14
HNT2 LYN A 22 4.30 -2.20 8.82
N1 BVK A 1 -2.64 8.56 -14.74
C2 BVK A 1 -4.53 9.64 -10.77
C3 BVK A 1 -3.87 9.98 -11.96
C4 BVK A 1 -4.23 9.46 -13.21
C5 BVK A 1 -5.42 8.73 -13.31
C6 BVK A 1 -6.14 8.43 -12.15
CA BVK A 1 -6.39 8.48 -9.61
C BVK A 1 -5.93 8.82 -8.20
O BVK A 1 -6.38 9.82 -7.65
C1 BVK A 1 -5.70 8.87 -10.89
C7 BVK A 1 -3.43 9.78 -14.43
H1 BVK A 1 -2.08 8.33 -13.92
H2 BVK A 1 -3.24 7.78 -14.96
H4 BVK A 1 -4.15 9.97 -9.81
H5 BVK A 1 -3.00 10.60 -11.95
H6 BVK A 1 -5.88 8.35 -14.21
H7 BVK A 1 -7.07 7.90 -12.26
H8 BVK A 1 -7.37 8.98 -9.64
H9 BVK A 1 -6.53 7.43 -9.82
H11 BVK A 1 -2.87 10.65 -14.09
H12 BVK A 1 -4.09 10.07 -15.25
H3 BVK A 1 -2.03 8.75 -15.52
N SER A 2 -4.93 8.21 -7.53
CA SER A 2 -4.28 7.01 -8.00
C SER A 2 -5.13 5.76 -8.18
N LEU A 3 -4.66 4.74 -8.89
CA LEU A 3 -5.47 3.62 -9.33
C LEU A 3 -5.26 2.55 -8.26
N GLU A 4 -3.99 2.21 -7.98
CA GLU A 4 -3.46 1.76 -6.72
C GLU A 4 -2.70 2.84 -5.98
N GLN A 5 -1.89 3.59 -6.75
CA GLN A 5 -0.48 3.58 -6.43
C GLN A 5 -0.03 4.47 -5.27
N GLU A 6 -0.75 5.55 -4.96
CA GLU A 6 -0.44 6.29 -3.75
C GLU A 6 -1.28 5.89 -2.55
N TRP A 7 -2.29 5.07 -2.82
CA TRP A 7 -3.15 4.55 -1.75
C TRP A 7 -2.67 3.18 -1.28
N AIB A 8 -2.26 2.25 -2.14
CA AIB A 8 -1.46 1.09 -1.81
C AIB A 8 -0.23 1.33 -0.97
O AIB A 8 0.16 0.64 -0.03
CB1 AIB A 8 -0.98 0.70 -3.21
CB2 AIB A 8 -2.30 -0.10 -1.35
H AIB A 8 -2.30 2.47 -3.13
HB11 AIB A 8 -1.82 0.46 -3.87
HB12 AIB A 8 -0.40 1.52 -3.64
HB13 AIB A 8 -0.34 -0.17 -3.10
HB21 AIB A 8 -1.66 -0.98 -1.27
HB22 AIB A 8 -2.71 0.13 -0.36
HB23 AIB A 8 -3.11 -0.27 -2.04
N LYS A 9 0.49 2.41 -1.34
CA LYS A 9 1.60 3.00 -0.63
C LYS A 9 1.24 3.41 0.79
N ILE A 10 -0.01 3.68 1.13
CA ILE A 10 -0.38 4.01 2.50
C ILE A 10 -0.58 2.71 3.26
N GLU A 11 -1.20 1.69 2.66
CA GLU A 11 -1.46 0.46 3.40
C GLU A 11 -0.31 -0.52 3.54
N CYS A 12 0.73 -0.19 2.75
CA CYS A 12 2.04 -0.76 3.00
C CYS A 12 2.79 -0.15 4.16
N GLU A 13 2.26 0.84 4.90
CA GLU A 13 2.44 0.74 6.33
C GLU A 13 1.28 -0.14 6.76
N VAL A 14 1.56 -1.35 7.25
CA VAL A 14 0.75 -2.55 7.27
C VAL A 14 -0.57 -2.22 7.94
N TYR A 15 -1.54 -2.27 7.03
CA TYR A 15 -2.92 -2.66 7.17
C TYR A 15 -3.06 -4.17 7.00
N GLY A 16 -2.59 -4.62 5.84
CA GLY A 16 -2.73 -6.02 5.49
C GLY A 16 -2.73 -6.25 3.98
N LYS A 17 -1.73 -5.69 3.28
CA LYS A 17 -1.68 -5.52 1.84
C LYS A 17 -0.44 -5.95 1.10
N CYS A 18 0.65 -5.23 1.34
CA CYS A 18 1.94 -5.76 0.94
C CYS A 18 2.47 -6.80 1.92
N PRO A 19 3.45 -7.58 1.46
CA PRO A 19 4.20 -8.43 2.36
C PRO A 19 4.95 -7.49 3.30
N PRO A 20 4.95 -7.87 4.58
CA PRO A 20 4.65 -6.83 5.55
C PRO A 20 5.88 -6.02 5.90
N LYS A 21 5.81 -4.73 5.61
CA LYS A 21 6.85 -3.73 5.77
C LYS A 21 6.81 -3.13 7.17
N LYN A 22 7.95 -2.95 7.86
CA LYN A 22 8.18 -2.34 9.14
CB LYN A 22 9.67 -2.46 9.44
CG LYN A 22 10.06 -2.01 10.84
CD LYN A 22 11.55 -2.14 11.17
CE LYN A 22 11.70 -1.72 12.62
NZ LYN A 22 13.11 -1.80 13.05
C LYN A 22 7.69 -0.90 9.14
O LYN A 22 7.91 -0.16 8.17
NT LYN A 22 7.11 -0.46 10.25
H LYN A 22 8.70 -3.26 7.24
HA LYN A 22 7.63 -2.88 9.92
HB2 LYN A 22 10.08 -1.75 8.73
HB3 LYN A 22 10.05 -3.46 9.20
HG2 LYN A 22 9.49 -2.65 11.52
HG3 LYN A 22 9.75 -0.97 10.96
HD2 LYN A 22 12.20 -1.54 10.52
HD3 LYN A 22 11.77 -3.19 11.04
HE2 LYN A 22 11.10 -2.36 13.27
HE3 LYN A 22 11.43 -0.68 12.80
HZ1 LYN A 22 13.76 -1.34 12.42
HZ2 LYN A 22 13.13 -1.32 13.94
HZ3 LYN A 22 13.39 -2.76 13.17
HNT1 LYN A 22 6.97 -1.09 11.03
HNT2 LYN A 22 6.75 0.47 10.30
#